data_3ODU
#
_entry.id   3ODU
#
_cell.length_a   64.540
_cell.length_b   83.692
_cell.length_c   119.995
_cell.angle_alpha   90.00
_cell.angle_beta   102.17
_cell.angle_gamma   90.00
#
_symmetry.space_group_name_H-M   'P 1 21 1'
#
loop_
_entity.id
_entity.type
_entity.pdbx_description
1 polymer 'C-X-C chemokine receptor type 4, Lysozyme Chimera'
2 non-polymer "(6,6-dimethyl-5,6-dihydroimidazo[2,1-b][1,3]thiazol-3-yl)methyl N,N'-dicyclohexylimidothiocarbamate"
3 non-polymer '(2R)-2,3-dihydroxypropyl (9Z)-octadec-9-enoate'
4 non-polymer 'OLEIC ACID'
5 water water
#
_entity_poly.entity_id   1
_entity_poly.type   'polypeptide(L)'
_entity_poly.pdbx_seq_one_letter_code
;DYKDDDDAGAPEGISIYTSDNYTEEMGSGDYDSMKEPCFREENANFNKIFLPTIYSIIFLTGIVGNGLVILVMGYQKKLR
SMTDKYRLHLSVADLLFVITLPFWAVDAVANWYFGNFLCKAVHVIYTVNLYSSVWILAFISLDRYLAIVHATNSQRPRKL
LAEKVVYVGVWIPALLLTIPDFIFANVSEADDRYICDRFYPNDLWVVVFQFQHIMVGLILPGIVILSCYCIIISKLSHSG
SNIFEMLRIDEGLRLKIYKDTEGYYTIGIGHLLTKSPSLNAAKSELDKAIGRNTNGVITKDEAEKLFNQDVDAAVRGILR
NAKLKPVYDSLDAVRRAALINMVFQMGETGVAGFTNSLRMLQQKRWDEAAVNLAKSRWYNQTPNRAKRVITTFRTGTWDA
YGSKGHQKRKALKTTVILILAFFACWLPYYIGISIDSFILLEIIKQGCEFENTVHKWISITEALAFFHCCLNPILYAFLG
AKFKTSAQHALTSGRPLEVLFQ
;
_entity_poly.pdbx_strand_id   A,B
#
# COMPACT_ATOMS: atom_id res chain seq x y z
N PRO A 37 -3.72 -26.73 -45.71
CA PRO A 37 -4.00 -26.67 -44.27
C PRO A 37 -2.87 -27.25 -43.42
N CYS A 38 -2.46 -26.53 -42.36
CA CYS A 38 -1.47 -27.04 -41.40
C CYS A 38 -2.16 -27.90 -40.35
N PHE A 39 -1.62 -29.09 -40.11
CA PHE A 39 -2.08 -29.99 -39.05
C PHE A 39 -1.01 -30.10 -37.97
N ARG A 40 -1.44 -30.36 -36.74
CA ARG A 40 -0.50 -30.70 -35.65
C ARG A 40 -0.15 -32.19 -35.70
N GLU A 41 1.12 -32.47 -35.97
CA GLU A 41 1.68 -33.81 -35.82
C GLU A 41 2.61 -33.83 -34.62
N GLU A 42 2.46 -34.81 -33.74
CA GLU A 42 3.39 -34.91 -32.62
C GLU A 42 4.69 -35.57 -33.04
N ASN A 43 5.79 -34.98 -32.64
CA ASN A 43 7.12 -35.46 -32.99
C ASN A 43 7.57 -36.61 -32.16
N ALA A 44 8.24 -37.57 -32.69
CA ALA A 44 8.58 -38.60 -31.77
C ALA A 44 10.02 -38.60 -31.55
N ASN A 45 10.73 -38.61 -32.66
CA ASN A 45 12.05 -39.11 -32.68
C ASN A 45 12.72 -38.46 -31.54
N PHE A 46 12.58 -37.19 -31.41
CA PHE A 46 13.25 -36.67 -30.30
C PHE A 46 12.28 -36.45 -29.16
N ASN A 47 11.13 -35.90 -29.45
CA ASN A 47 10.21 -35.51 -28.42
C ASN A 47 9.53 -36.56 -27.52
N LYS A 48 9.30 -37.81 -27.96
CA LYS A 48 8.76 -38.88 -27.11
C LYS A 48 9.92 -39.47 -26.33
N ILE A 49 11.11 -38.97 -26.56
CA ILE A 49 12.24 -39.40 -25.84
C ILE A 49 12.81 -38.34 -24.95
N PHE A 50 12.81 -37.13 -25.44
CA PHE A 50 13.43 -36.01 -24.74
C PHE A 50 12.62 -35.49 -23.54
N LEU A 51 11.32 -35.23 -23.74
CA LEU A 51 10.48 -34.69 -22.67
C LEU A 51 10.35 -35.61 -21.43
N PRO A 52 9.94 -36.89 -21.60
CA PRO A 52 9.91 -37.81 -20.43
C PRO A 52 11.22 -37.88 -19.64
N THR A 53 12.35 -37.89 -20.36
CA THR A 53 13.70 -37.86 -19.76
C THR A 53 13.93 -36.65 -18.85
N ILE A 54 13.61 -35.46 -19.38
CA ILE A 54 13.69 -34.20 -18.62
C ILE A 54 12.66 -34.13 -17.51
N TYR A 55 11.43 -34.54 -17.78
CA TYR A 55 10.44 -34.62 -16.72
C TYR A 55 10.88 -35.53 -15.56
N SER A 56 11.32 -36.73 -15.88
CA SER A 56 11.81 -37.71 -14.89
C SER A 56 12.97 -37.23 -14.03
N ILE A 57 13.89 -36.47 -14.66
CA ILE A 57 15.06 -35.88 -13.97
C ILE A 57 14.66 -34.79 -12.98
N ILE A 58 13.87 -33.83 -13.47
CA ILE A 58 13.27 -32.83 -12.62
C ILE A 58 12.40 -33.50 -11.58
N PHE A 59 11.66 -34.53 -11.98
CA PHE A 59 10.89 -35.29 -10.98
C PHE A 59 11.82 -35.78 -9.87
N LEU A 60 12.84 -36.59 -10.20
CA LEU A 60 13.70 -37.16 -9.16
C LEU A 60 14.52 -36.12 -8.35
N THR A 61 15.22 -35.21 -9.02
CA THR A 61 16.08 -34.27 -8.27
C THR A 61 15.23 -33.26 -7.50
N GLY A 62 14.03 -33.02 -7.99
CA GLY A 62 13.12 -32.04 -7.38
C GLY A 62 12.45 -32.59 -6.15
N ILE A 63 12.05 -33.86 -6.19
CA ILE A 63 11.47 -34.51 -5.01
C ILE A 63 12.52 -34.56 -3.88
N VAL A 64 13.77 -34.88 -4.20
CA VAL A 64 14.77 -35.01 -3.17
C VAL A 64 15.13 -33.65 -2.62
N GLY A 65 15.36 -32.69 -3.53
CA GLY A 65 15.76 -31.34 -3.16
C GLY A 65 14.72 -30.58 -2.37
N ASN A 66 13.53 -30.47 -2.92
CA ASN A 66 12.46 -29.76 -2.22
C ASN A 66 11.98 -30.46 -0.97
N GLY A 67 11.92 -31.79 -0.99
CA GLY A 67 11.50 -32.58 0.20
C GLY A 67 12.47 -32.39 1.33
N LEU A 68 13.76 -32.33 1.02
CA LEU A 68 14.76 -31.98 2.01
C LEU A 68 14.48 -30.60 2.57
N VAL A 69 14.32 -29.61 1.71
CA VAL A 69 14.03 -28.28 2.21
C VAL A 69 12.87 -28.36 3.18
N ILE A 70 11.76 -28.94 2.75
CA ILE A 70 10.55 -29.03 3.56
C ILE A 70 10.80 -29.70 4.93
N LEU A 71 11.56 -30.79 4.95
CA LEU A 71 11.81 -31.51 6.20
C LEU A 71 12.84 -30.81 7.09
N VAL A 72 13.90 -30.28 6.50
CA VAL A 72 14.99 -29.69 7.28
C VAL A 72 14.65 -28.34 7.87
N MET A 73 13.88 -27.53 7.14
CA MET A 73 13.42 -26.26 7.65
C MET A 73 12.11 -26.49 8.33
N GLY A 74 11.17 -27.00 7.55
CA GLY A 74 9.80 -27.17 8.01
C GLY A 74 9.78 -27.54 9.46
N TYR A 75 10.62 -28.49 9.84
CA TYR A 75 10.56 -28.98 11.19
C TYR A 75 11.66 -28.65 12.18
N GLN A 76 12.87 -29.03 11.88
CA GLN A 76 13.91 -28.76 12.81
C GLN A 76 14.22 -27.33 13.06
N LYS A 77 14.30 -26.52 12.00
CA LYS A 77 14.77 -25.14 12.13
C LYS A 77 14.07 -24.30 13.19
N LYS A 78 14.85 -23.57 13.99
CA LYS A 78 14.32 -22.60 14.92
C LYS A 78 14.80 -21.15 14.71
N LEU A 79 15.99 -20.93 14.19
CA LEU A 79 16.24 -19.57 13.88
C LEU A 79 16.16 -19.50 12.36
N ARG A 80 15.08 -18.92 11.86
CA ARG A 80 14.84 -18.84 10.43
C ARG A 80 14.68 -17.41 9.95
N SER A 81 15.35 -17.10 8.87
CA SER A 81 15.27 -15.80 8.27
C SER A 81 13.98 -15.66 7.50
N MET A 82 13.66 -14.45 7.09
CA MET A 82 12.49 -14.20 6.25
C MET A 82 12.61 -14.84 4.89
N THR A 83 13.77 -14.65 4.28
CA THR A 83 14.02 -15.23 2.99
C THR A 83 13.79 -16.74 3.09
N ASP A 84 14.26 -17.36 4.18
CA ASP A 84 14.02 -18.81 4.38
C ASP A 84 12.56 -19.18 4.54
N LYS A 85 11.81 -18.42 5.33
CA LYS A 85 10.37 -18.64 5.41
C LYS A 85 9.76 -18.71 3.98
N TYR A 86 10.25 -17.85 3.07
CA TYR A 86 9.68 -17.72 1.74
C TYR A 86 10.06 -18.90 0.89
N ARG A 87 11.29 -19.37 1.09
CA ARG A 87 11.82 -20.49 0.34
C ARG A 87 11.27 -21.84 0.80
N LEU A 88 10.60 -21.86 1.95
CA LEU A 88 9.83 -23.03 2.37
C LEU A 88 8.52 -23.07 1.58
N HIS A 89 7.86 -21.90 1.46
CA HIS A 89 6.62 -21.77 0.67
C HIS A 89 6.92 -22.15 -0.78
N LEU A 90 8.08 -21.70 -1.26
CA LEU A 90 8.55 -21.98 -2.61
C LEU A 90 8.71 -23.49 -2.83
N SER A 91 9.54 -24.14 -2.02
CA SER A 91 9.71 -25.60 -2.05
C SER A 91 8.40 -26.42 -1.84
N VAL A 92 7.41 -25.87 -1.15
CA VAL A 92 6.12 -26.53 -1.09
C VAL A 92 5.42 -26.41 -2.44
N ALA A 93 5.51 -25.24 -3.06
CA ALA A 93 4.97 -25.02 -4.43
C ALA A 93 5.56 -26.02 -5.38
N ASP A 94 6.90 -26.02 -5.42
CA ASP A 94 7.63 -26.87 -6.31
C ASP A 94 7.44 -28.39 -6.12
N LEU A 95 7.35 -28.87 -4.88
CA LEU A 95 7.09 -30.29 -4.63
C LEU A 95 5.72 -30.71 -5.13
N LEU A 96 4.71 -29.88 -4.88
CA LEU A 96 3.35 -30.17 -5.38
C LEU A 96 3.32 -30.37 -6.88
N PHE A 97 4.16 -29.63 -7.60
CA PHE A 97 4.14 -29.69 -9.05
C PHE A 97 4.98 -30.85 -9.56
N VAL A 98 6.13 -31.03 -8.94
CA VAL A 98 7.08 -32.08 -9.28
C VAL A 98 6.50 -33.49 -9.12
N ILE A 99 5.79 -33.72 -8.03
CA ILE A 99 5.05 -34.99 -7.81
C ILE A 99 4.05 -35.40 -8.92
N THR A 100 3.62 -34.43 -9.74
CA THR A 100 2.70 -34.70 -10.84
C THR A 100 3.41 -34.93 -12.17
N LEU A 101 4.74 -34.74 -12.22
CA LEU A 101 5.51 -34.95 -13.45
C LEU A 101 5.46 -36.37 -14.03
N PRO A 102 5.32 -37.41 -13.17
CA PRO A 102 5.18 -38.73 -13.76
C PRO A 102 4.04 -38.79 -14.79
N PHE A 103 2.96 -38.05 -14.54
CA PHE A 103 1.82 -38.05 -15.45
C PHE A 103 2.22 -37.40 -16.79
N TRP A 104 3.06 -36.36 -16.70
CA TRP A 104 3.50 -35.63 -17.87
C TRP A 104 4.33 -36.57 -18.77
N ALA A 105 5.23 -37.30 -18.12
CA ALA A 105 6.14 -38.21 -18.81
C ALA A 105 5.36 -39.29 -19.57
N VAL A 106 4.43 -39.97 -18.89
CA VAL A 106 3.57 -41.02 -19.51
C VAL A 106 2.68 -40.44 -20.58
N ASP A 107 2.22 -39.22 -20.34
CA ASP A 107 1.45 -38.48 -21.33
C ASP A 107 2.28 -38.24 -22.58
N ALA A 108 3.53 -37.85 -22.41
CA ALA A 108 4.36 -37.51 -23.55
C ALA A 108 4.70 -38.78 -24.33
N VAL A 109 5.00 -39.85 -23.61
CA VAL A 109 5.48 -41.09 -24.22
C VAL A 109 4.36 -41.98 -24.75
N ALA A 110 3.25 -42.09 -24.02
CA ALA A 110 2.21 -43.04 -24.43
C ALA A 110 0.75 -42.64 -24.65
N ASN A 111 0.19 -41.88 -23.71
CA ASN A 111 -1.20 -41.78 -23.54
C ASN A 111 -1.64 -40.77 -22.47
N TRP A 112 -2.92 -40.52 -22.30
CA TRP A 112 -3.48 -40.04 -21.08
C TRP A 112 -4.35 -41.24 -20.60
N TYR A 113 -3.80 -41.95 -19.59
CA TYR A 113 -4.43 -43.14 -19.00
C TYR A 113 -5.18 -42.78 -17.73
N PHE A 114 -5.17 -41.51 -17.33
CA PHE A 114 -5.53 -41.17 -15.95
C PHE A 114 -6.91 -40.56 -15.74
N GLY A 115 -7.69 -40.43 -16.81
CA GLY A 115 -9.08 -40.03 -16.64
C GLY A 115 -9.26 -38.53 -16.52
N ASN A 116 -10.50 -38.10 -16.62
CA ASN A 116 -10.85 -36.69 -16.67
C ASN A 116 -10.47 -35.91 -15.42
N PHE A 117 -10.63 -36.53 -14.26
CA PHE A 117 -10.47 -35.81 -13.01
C PHE A 117 -9.02 -35.44 -12.81
N LEU A 118 -8.13 -36.39 -12.97
CA LEU A 118 -6.71 -36.11 -12.82
C LEU A 118 -6.23 -35.11 -13.91
N CYS A 119 -6.90 -35.11 -15.07
CA CYS A 119 -6.52 -34.18 -16.15
C CYS A 119 -6.71 -32.76 -15.67
N LYS A 120 -7.84 -32.49 -15.06
CA LYS A 120 -8.08 -31.21 -14.42
C LYS A 120 -7.02 -30.94 -13.33
N ALA A 121 -6.76 -31.96 -12.49
CA ALA A 121 -5.93 -31.79 -11.30
C ALA A 121 -4.49 -31.45 -11.60
N VAL A 122 -3.96 -32.03 -12.67
CA VAL A 122 -2.57 -31.75 -13.01
C VAL A 122 -2.43 -30.34 -13.61
N HIS A 123 -3.44 -29.88 -14.35
CA HIS A 123 -3.55 -28.47 -14.79
C HIS A 123 -3.61 -27.54 -13.58
N VAL A 124 -4.63 -27.71 -12.74
CA VAL A 124 -4.77 -26.85 -11.57
C VAL A 124 -3.40 -26.69 -10.93
N ILE A 125 -2.70 -27.80 -10.75
CA ILE A 125 -1.48 -27.86 -9.96
C ILE A 125 -0.36 -27.13 -10.72
N TYR A 126 -0.38 -27.32 -12.04
CA TYR A 126 0.48 -26.57 -12.93
C TYR A 126 0.23 -25.06 -12.77
N THR A 127 -1.00 -24.63 -12.91
CA THR A 127 -1.27 -23.20 -12.80
C THR A 127 -0.92 -22.70 -11.41
N VAL A 128 -1.35 -23.42 -10.38
CA VAL A 128 -0.99 -23.01 -9.03
C VAL A 128 0.51 -22.72 -8.92
N ASN A 129 1.34 -23.61 -9.44
CA ASN A 129 2.79 -23.51 -9.35
C ASN A 129 3.36 -22.34 -10.13
N LEU A 130 2.95 -22.16 -11.38
CA LEU A 130 3.45 -21.02 -12.15
C LEU A 130 3.18 -19.68 -11.42
N TYR A 131 1.97 -19.54 -10.89
CA TYR A 131 1.62 -18.30 -10.22
C TYR A 131 2.33 -18.17 -8.87
N SER A 132 2.29 -19.23 -8.06
CA SER A 132 2.67 -19.07 -6.66
C SER A 132 4.16 -18.78 -6.54
N SER A 133 4.97 -19.47 -7.32
CA SER A 133 6.40 -19.37 -7.18
C SER A 133 6.92 -18.02 -7.64
N VAL A 134 6.50 -17.54 -8.80
CA VAL A 134 6.94 -16.23 -9.26
C VAL A 134 6.51 -15.16 -8.27
N TRP A 135 5.30 -15.29 -7.72
CA TRP A 135 4.83 -14.31 -6.73
C TRP A 135 5.54 -14.45 -5.39
N ILE A 136 5.93 -15.66 -5.00
CA ILE A 136 6.76 -15.81 -3.81
C ILE A 136 8.05 -15.01 -4.01
N LEU A 137 8.64 -15.13 -5.20
CA LEU A 137 9.84 -14.32 -5.58
C LEU A 137 9.63 -12.82 -5.44
N ALA A 138 8.45 -12.37 -5.87
CA ALA A 138 8.06 -10.98 -5.74
C ALA A 138 7.96 -10.57 -4.27
N PHE A 139 7.43 -11.45 -3.44
CA PHE A 139 7.41 -11.19 -1.99
C PHE A 139 8.82 -11.23 -1.38
N ILE A 140 9.68 -12.15 -1.82
CA ILE A 140 11.11 -12.08 -1.44
C ILE A 140 11.73 -10.72 -1.81
N SER A 141 11.32 -10.12 -2.92
CA SER A 141 11.81 -8.77 -3.28
C SER A 141 11.19 -7.57 -2.47
N LEU A 142 9.90 -7.65 -2.18
CA LEU A 142 9.26 -6.67 -1.27
C LEU A 142 9.90 -6.74 0.12
N ASP A 143 10.25 -7.95 0.57
CA ASP A 143 10.90 -8.17 1.86
C ASP A 143 12.30 -7.55 1.90
N ARG A 144 13.08 -7.83 0.87
CA ARG A 144 14.36 -7.18 0.70
C ARG A 144 14.25 -5.67 0.70
N TYR A 145 13.22 -5.17 0.01
CA TYR A 145 13.00 -3.72 -0.10
C TYR A 145 12.73 -3.11 1.29
N LEU A 146 12.06 -3.85 2.15
CA LEU A 146 11.79 -3.35 3.47
C LEU A 146 13.03 -3.45 4.33
N ALA A 147 13.72 -4.60 4.29
CA ALA A 147 14.97 -4.78 5.03
C ALA A 147 16.03 -3.70 4.80
N ILE A 148 16.14 -3.17 3.57
CA ILE A 148 17.20 -2.21 3.20
C ILE A 148 16.73 -0.77 3.18
N VAL A 149 15.58 -0.53 2.60
CA VAL A 149 14.99 0.77 2.54
C VAL A 149 14.39 1.35 3.79
N HIS A 150 13.73 0.55 4.60
CA HIS A 150 13.08 1.09 5.76
C HIS A 150 13.49 0.36 6.98
N ALA A 151 14.73 0.45 7.38
CA ALA A 151 15.17 -0.30 8.53
C ALA A 151 14.96 0.48 9.83
N THR A 152 14.32 1.61 9.74
CA THR A 152 13.93 2.26 10.94
C THR A 152 12.94 1.28 11.59
N ASN A 153 12.00 0.82 10.77
CA ASN A 153 10.96 -0.11 11.21
C ASN A 153 10.52 -1.06 10.09
N SER A 154 11.20 -2.18 9.99
CA SER A 154 10.93 -3.17 8.99
C SER A 154 10.14 -4.28 9.63
N GLN A 155 10.46 -4.63 10.88
CA GLN A 155 10.12 -5.90 11.53
C GLN A 155 8.67 -6.20 11.57
N ARG A 156 7.82 -5.26 11.86
CA ARG A 156 6.43 -5.55 11.86
C ARG A 156 5.87 -5.85 10.51
N PRO A 157 6.18 -5.06 9.51
CA PRO A 157 5.64 -5.29 8.19
C PRO A 157 6.20 -6.50 7.51
N ARG A 158 7.47 -6.82 7.71
CA ARG A 158 8.04 -8.00 7.09
C ARG A 158 7.47 -9.26 7.74
N LYS A 159 7.25 -9.21 9.04
CA LYS A 159 6.63 -10.31 9.77
C LYS A 159 5.20 -10.54 9.29
N LEU A 160 4.47 -9.46 9.09
CA LEU A 160 3.12 -9.50 8.54
C LEU A 160 3.10 -10.10 7.12
N LEU A 161 3.99 -9.66 6.25
CA LEU A 161 4.02 -10.19 4.88
C LEU A 161 4.30 -11.69 4.89
N ALA A 162 5.31 -12.12 5.64
CA ALA A 162 5.75 -13.51 5.62
C ALA A 162 4.74 -14.50 6.22
N GLU A 163 3.96 -14.07 7.22
CA GLU A 163 3.09 -14.99 7.96
C GLU A 163 1.61 -14.84 7.67
N LYS A 164 1.19 -13.72 7.10
CA LYS A 164 -0.23 -13.51 6.78
C LYS A 164 -0.59 -13.15 5.35
N VAL A 165 0.13 -12.24 4.75
CA VAL A 165 -0.26 -11.75 3.44
C VAL A 165 0.16 -12.74 2.35
N VAL A 166 1.18 -13.56 2.61
CA VAL A 166 1.60 -14.56 1.64
C VAL A 166 0.49 -15.54 1.32
N TYR A 167 -0.36 -15.85 2.31
CA TYR A 167 -1.50 -16.75 2.08
C TYR A 167 -2.57 -16.03 1.28
N VAL A 168 -3.01 -14.90 1.78
CA VAL A 168 -4.24 -14.31 1.27
C VAL A 168 -4.00 -13.63 -0.08
N GLY A 169 -2.74 -13.31 -0.38
CA GLY A 169 -2.33 -12.61 -1.58
C GLY A 169 -1.50 -13.44 -2.55
N VAL A 170 -0.96 -14.57 -2.13
CA VAL A 170 -0.25 -15.45 -3.07
C VAL A 170 -1.02 -16.74 -3.29
N TRP A 171 -1.13 -17.55 -2.24
CA TRP A 171 -1.70 -18.86 -2.39
C TRP A 171 -3.16 -18.82 -2.82
N ILE A 172 -3.99 -18.04 -2.13
CA ILE A 172 -5.44 -18.11 -2.39
C ILE A 172 -5.81 -17.63 -3.79
N PRO A 173 -5.25 -16.50 -4.26
CA PRO A 173 -5.47 -16.07 -5.65
C PRO A 173 -5.00 -17.09 -6.68
N ALA A 174 -3.88 -17.75 -6.39
CA ALA A 174 -3.33 -18.78 -7.24
C ALA A 174 -4.36 -19.87 -7.36
N LEU A 175 -4.94 -20.27 -6.24
CA LEU A 175 -5.99 -21.30 -6.27
C LEU A 175 -7.23 -20.83 -7.03
N LEU A 176 -7.70 -19.62 -6.77
CA LEU A 176 -8.91 -19.14 -7.42
C LEU A 176 -8.74 -19.04 -8.94
N LEU A 177 -7.55 -18.60 -9.38
CA LEU A 177 -7.28 -18.45 -10.83
C LEU A 177 -7.17 -19.77 -11.57
N THR A 178 -7.19 -20.91 -10.87
CA THR A 178 -7.20 -22.21 -11.54
C THR A 178 -8.60 -22.67 -11.97
N ILE A 179 -9.63 -21.96 -11.56
CA ILE A 179 -11.00 -22.33 -11.89
C ILE A 179 -11.20 -22.59 -13.39
N PRO A 180 -10.63 -21.74 -14.27
CA PRO A 180 -10.60 -22.00 -15.71
C PRO A 180 -10.08 -23.37 -16.10
N ASP A 181 -8.89 -23.73 -15.63
CA ASP A 181 -8.30 -25.05 -15.92
C ASP A 181 -9.22 -26.17 -15.48
N PHE A 182 -9.72 -26.05 -14.26
CA PHE A 182 -10.69 -27.02 -13.76
C PHE A 182 -11.88 -27.13 -14.70
N ILE A 183 -12.33 -26.02 -15.23
CA ILE A 183 -13.51 -26.05 -16.08
C ILE A 183 -13.17 -26.57 -17.48
N PHE A 184 -12.09 -26.09 -18.06
CA PHE A 184 -11.84 -26.33 -19.49
C PHE A 184 -10.90 -27.51 -19.76
N ALA A 185 -10.20 -28.01 -18.76
CA ALA A 185 -9.38 -29.22 -18.94
C ALA A 185 -10.26 -30.46 -19.10
N ASN A 186 -10.15 -31.15 -20.22
CA ASN A 186 -10.90 -32.36 -20.51
C ASN A 186 -10.11 -33.35 -21.43
N VAL A 187 -10.53 -34.62 -21.44
CA VAL A 187 -9.84 -35.67 -22.19
C VAL A 187 -10.51 -35.92 -23.52
N SER A 188 -9.73 -35.95 -24.57
CA SER A 188 -10.25 -36.05 -25.93
C SER A 188 -9.55 -37.22 -26.64
N GLU A 189 -10.27 -37.87 -27.56
CA GLU A 189 -9.70 -38.92 -28.42
C GLU A 189 -9.16 -38.29 -29.69
N ALA A 190 -7.86 -38.42 -29.94
CA ALA A 190 -7.26 -37.83 -31.15
C ALA A 190 -5.98 -38.57 -31.52
N ASP A 191 -5.90 -38.96 -32.78
CA ASP A 191 -4.82 -39.81 -33.33
C ASP A 191 -4.34 -41.00 -32.48
N ASP A 192 -5.28 -41.93 -32.28
CA ASP A 192 -5.02 -43.30 -31.82
C ASP A 192 -4.73 -43.35 -30.35
N ARG A 193 -5.12 -42.26 -29.69
CA ARG A 193 -4.81 -42.02 -28.29
C ARG A 193 -5.72 -41.03 -27.58
N TYR A 194 -5.62 -40.97 -26.27
CA TYR A 194 -6.30 -39.95 -25.46
C TYR A 194 -5.45 -38.69 -25.25
N ILE A 195 -6.05 -37.53 -25.51
CA ILE A 195 -5.40 -36.22 -25.33
C ILE A 195 -6.00 -35.43 -24.16
N CYS A 196 -5.20 -35.14 -23.14
CA CYS A 196 -5.58 -34.24 -22.02
C CYS A 196 -5.10 -32.82 -22.31
N ASP A 197 -6.06 -31.88 -22.35
CA ASP A 197 -5.80 -30.49 -22.79
C ASP A 197 -6.94 -29.56 -22.33
N ARG A 198 -6.82 -28.27 -22.57
CA ARG A 198 -7.89 -27.29 -22.38
C ARG A 198 -8.60 -26.98 -23.65
N PHE A 199 -9.88 -27.27 -23.69
CA PHE A 199 -10.67 -27.11 -24.92
C PHE A 199 -11.74 -26.05 -24.72
N TYR A 200 -11.74 -25.07 -25.61
CA TYR A 200 -12.59 -23.91 -25.49
C TYR A 200 -13.66 -23.84 -26.58
N PRO A 201 -14.59 -22.90 -26.45
CA PRO A 201 -15.52 -22.58 -27.55
C PRO A 201 -14.90 -22.13 -28.87
N ASN A 202 -13.79 -21.39 -28.81
CA ASN A 202 -13.14 -20.84 -30.01
C ASN A 202 -11.75 -20.28 -29.70
N ASP A 203 -11.08 -19.81 -30.74
CA ASP A 203 -9.68 -19.41 -30.64
C ASP A 203 -9.46 -18.15 -29.81
N LEU A 204 -10.45 -17.28 -29.76
CA LEU A 204 -10.40 -16.12 -28.86
C LEU A 204 -10.16 -16.46 -27.38
N TRP A 205 -10.76 -17.56 -26.91
CA TRP A 205 -10.45 -18.11 -25.58
C TRP A 205 -8.95 -18.51 -25.39
N VAL A 206 -8.32 -19.02 -26.44
CA VAL A 206 -6.89 -19.27 -26.42
C VAL A 206 -6.16 -17.99 -26.10
N VAL A 207 -6.62 -16.89 -26.67
CA VAL A 207 -5.92 -15.60 -26.56
C VAL A 207 -6.14 -14.96 -25.20
N VAL A 208 -7.39 -14.96 -24.76
CA VAL A 208 -7.75 -14.45 -23.45
C VAL A 208 -6.91 -15.10 -22.37
N PHE A 209 -6.80 -16.42 -22.40
CA PHE A 209 -6.06 -17.13 -21.32
C PHE A 209 -4.54 -17.08 -21.42
N GLN A 210 -4.00 -16.99 -22.63
CA GLN A 210 -2.57 -16.89 -22.74
C GLN A 210 -2.11 -15.55 -22.22
N PHE A 211 -2.85 -14.49 -22.56
CA PHE A 211 -2.51 -13.14 -22.11
C PHE A 211 -2.52 -13.05 -20.57
N GLN A 212 -3.57 -13.59 -19.94
CA GLN A 212 -3.57 -13.82 -18.48
C GLN A 212 -2.33 -14.56 -17.94
N HIS A 213 -1.87 -15.61 -18.61
CA HIS A 213 -0.69 -16.33 -18.13
C HIS A 213 0.57 -15.44 -18.15
N ILE A 214 0.73 -14.68 -19.23
CA ILE A 214 1.85 -13.77 -19.38
C ILE A 214 1.75 -12.60 -18.39
N MET A 215 0.57 -12.10 -18.17
CA MET A 215 0.42 -11.04 -17.23
C MET A 215 0.67 -11.40 -15.80
N VAL A 216 -0.05 -12.37 -15.32
CA VAL A 216 0.03 -12.81 -13.95
C VAL A 216 1.30 -13.53 -13.65
N GLY A 217 1.70 -14.27 -14.65
CA GLY A 217 2.92 -15.00 -14.71
C GLY A 217 4.19 -14.26 -14.81
N LEU A 218 4.21 -13.18 -15.54
CA LEU A 218 5.43 -12.48 -15.76
C LEU A 218 5.49 -11.00 -15.50
N ILE A 219 4.56 -10.27 -15.99
CA ILE A 219 4.60 -8.84 -16.21
C ILE A 219 4.16 -8.12 -15.01
N LEU A 220 3.28 -8.68 -14.25
CA LEU A 220 2.92 -8.06 -12.99
C LEU A 220 4.02 -8.44 -11.94
N PRO A 221 4.39 -9.72 -11.81
CA PRO A 221 5.45 -9.97 -10.84
C PRO A 221 6.78 -9.35 -11.25
N GLY A 222 7.04 -9.33 -12.55
CA GLY A 222 8.23 -8.66 -13.07
C GLY A 222 8.26 -7.21 -12.70
N ILE A 223 7.14 -6.52 -12.82
CA ILE A 223 7.09 -5.09 -12.51
C ILE A 223 7.42 -4.85 -11.02
N VAL A 224 6.90 -5.73 -10.18
CA VAL A 224 7.00 -5.56 -8.75
C VAL A 224 8.43 -5.73 -8.34
N ILE A 225 9.01 -6.85 -8.76
CA ILE A 225 10.39 -7.19 -8.49
C ILE A 225 11.31 -6.10 -8.97
N LEU A 226 11.20 -5.70 -10.23
CA LEU A 226 12.09 -4.64 -10.77
C LEU A 226 11.88 -3.27 -10.10
N SER A 227 10.64 -2.95 -9.70
CA SER A 227 10.41 -1.69 -8.98
C SER A 227 11.10 -1.72 -7.63
N CYS A 228 11.07 -2.88 -6.96
CA CYS A 228 11.65 -3.03 -5.64
C CYS A 228 13.14 -2.84 -5.80
N TYR A 229 13.73 -3.54 -6.75
CA TYR A 229 15.17 -3.43 -6.97
C TYR A 229 15.57 -2.06 -7.57
N CYS A 230 14.66 -1.35 -8.26
CA CYS A 230 14.96 0.04 -8.67
C CYS A 230 15.14 0.91 -7.44
N ILE A 231 14.23 0.79 -6.47
CA ILE A 231 14.33 1.55 -5.25
C ILE A 231 15.56 1.12 -4.42
N ILE A 232 15.92 -0.15 -4.44
CA ILE A 232 17.05 -0.61 -3.63
C ILE A 232 18.35 -0.01 -4.16
N ILE A 233 18.80 -0.41 -5.35
CA ILE A 233 20.09 0.07 -5.88
C ILE A 233 20.20 1.58 -5.97
N SER A 234 19.06 2.28 -6.05
CA SER A 234 19.09 3.74 -6.03
C SER A 234 19.34 4.27 -4.63
N LYS A 235 19.12 3.44 -3.62
CA LYS A 235 19.23 3.89 -2.23
C LYS A 235 20.17 3.01 -1.39
N LEU A 236 20.80 2.02 -2.00
CA LEU A 236 21.62 1.08 -1.25
C LEU A 236 22.74 1.81 -0.46
N SER A 237 23.37 2.80 -1.09
CA SER A 237 24.52 3.50 -0.51
C SER A 237 24.16 4.44 0.63
N HIS A 238 22.94 4.98 0.66
CA HIS A 238 22.52 5.87 1.75
C HIS A 238 21.45 5.22 2.64
N SER A 239 21.61 3.93 2.88
CA SER A 239 20.70 3.20 3.75
C SER A 239 21.42 2.67 4.98
N GLY A 240 20.67 2.06 5.88
CA GLY A 240 21.20 1.49 7.10
C GLY A 240 20.67 2.18 8.34
N SER A 241 20.28 3.46 8.21
CA SER A 241 19.76 4.20 9.34
C SER A 241 19.03 5.51 8.99
N ASN A 242 18.05 5.82 9.84
CA ASN A 242 17.26 7.04 9.85
C ASN A 242 17.94 8.07 10.75
N ILE A 243 17.49 9.32 10.71
CA ILE A 243 17.85 10.34 11.72
C ILE A 243 17.26 10.04 13.12
N PHE A 244 16.11 9.40 13.13
CA PHE A 244 15.50 8.88 14.37
C PHE A 244 16.42 7.84 15.03
N GLU A 245 16.82 6.85 14.26
CA GLU A 245 17.70 5.79 14.75
C GLU A 245 19.06 6.31 15.20
N MET A 246 19.66 7.19 14.39
CA MET A 246 20.94 7.86 14.72
C MET A 246 20.93 8.42 16.12
N LEU A 247 19.91 9.21 16.42
CA LEU A 247 19.80 9.91 17.69
C LEU A 247 19.26 9.00 18.77
N ARG A 248 18.44 8.02 18.37
CA ARG A 248 18.01 6.96 19.28
C ARG A 248 19.21 6.19 19.82
N ILE A 249 20.30 6.15 19.04
CA ILE A 249 21.54 5.51 19.44
C ILE A 249 22.46 6.47 20.20
N ASP A 250 22.50 7.73 19.77
CA ASP A 250 23.39 8.70 20.39
C ASP A 250 22.83 9.16 21.76
N GLU A 251 21.50 9.21 21.88
CA GLU A 251 20.83 9.89 22.98
C GLU A 251 19.93 8.98 23.82
N GLY A 252 19.51 7.84 23.27
CA GLY A 252 18.66 6.89 23.99
C GLY A 252 17.20 7.22 23.83
N LEU A 253 16.34 6.20 23.99
CA LEU A 253 14.89 6.33 23.78
C LEU A 253 14.14 6.06 25.08
N ARG A 254 13.34 7.02 25.54
CA ARG A 254 12.61 6.89 26.78
C ARG A 254 11.09 6.86 26.57
N LEU A 255 10.49 5.67 26.69
CA LEU A 255 9.03 5.51 26.71
C LEU A 255 8.40 6.03 28.02
N LYS A 256 9.18 6.09 29.09
CA LYS A 256 8.69 6.60 30.38
C LYS A 256 9.40 7.91 30.77
N ILE A 257 8.66 8.82 31.41
CA ILE A 257 9.22 10.09 31.89
C ILE A 257 10.33 9.86 32.93
N TYR A 258 11.46 10.55 32.77
CA TYR A 258 12.61 10.41 33.65
C TYR A 258 13.03 11.78 34.17
N LYS A 259 13.18 11.86 35.49
CA LYS A 259 13.66 13.03 36.20
C LYS A 259 15.12 12.80 36.49
N ASP A 260 16.00 13.64 35.96
CA ASP A 260 17.46 13.55 36.22
C ASP A 260 17.89 14.21 37.55
N THR A 261 19.20 14.30 37.78
CA THR A 261 19.71 14.78 39.07
C THR A 261 19.61 16.29 39.28
N GLU A 262 19.35 17.06 38.24
CA GLU A 262 19.19 18.52 38.37
C GLU A 262 17.72 18.99 38.24
N GLY A 263 16.77 18.08 38.41
CA GLY A 263 15.36 18.41 38.39
C GLY A 263 14.66 18.51 37.03
N TYR A 264 15.33 18.16 35.95
CA TYR A 264 14.76 18.28 34.64
C TYR A 264 13.98 17.05 34.24
N TYR A 265 12.78 17.23 33.74
CA TYR A 265 11.99 16.09 33.31
C TYR A 265 12.09 15.87 31.79
N THR A 266 12.39 14.66 31.39
CA THR A 266 12.65 14.34 29.98
C THR A 266 11.97 13.06 29.49
N ILE A 267 11.71 12.97 28.21
CA ILE A 267 11.00 11.83 27.65
C ILE A 267 11.46 11.48 26.25
N GLY A 268 11.15 10.28 25.78
CA GLY A 268 11.47 9.93 24.42
C GLY A 268 12.92 10.09 24.08
N ILE A 269 13.19 10.77 23.00
CA ILE A 269 14.54 11.06 22.60
C ILE A 269 14.98 12.45 23.05
N GLY A 270 15.38 12.55 24.30
CA GLY A 270 15.82 13.79 24.89
C GLY A 270 14.84 14.95 24.89
N HIS A 271 13.57 14.66 24.99
CA HIS A 271 12.58 15.70 24.94
C HIS A 271 12.34 16.29 26.31
N LEU A 272 12.77 17.52 26.48
CA LEU A 272 12.64 18.16 27.77
C LEU A 272 11.23 18.63 27.98
N LEU A 273 10.65 18.32 29.14
CA LEU A 273 9.27 18.67 29.41
C LEU A 273 9.07 19.88 30.34
N THR A 274 9.76 19.89 31.46
CA THR A 274 9.55 20.87 32.51
C THR A 274 10.71 20.75 33.45
N LYS A 275 11.00 21.79 34.19
CA LYS A 275 12.12 21.74 35.10
C LYS A 275 11.77 22.22 36.48
N SER A 276 10.58 21.91 36.95
CA SER A 276 10.12 22.29 38.27
C SER A 276 9.61 21.03 38.88
N PRO A 277 9.54 20.97 40.20
CA PRO A 277 9.30 19.73 40.92
C PRO A 277 8.10 18.87 40.65
N SER A 278 6.93 19.38 40.39
CA SER A 278 5.87 18.44 40.19
C SER A 278 6.16 17.53 39.00
N LEU A 279 6.02 16.23 39.23
CA LEU A 279 6.00 15.22 38.20
C LEU A 279 4.71 15.28 37.43
N ASN A 280 3.61 15.48 38.12
CA ASN A 280 2.29 15.63 37.49
C ASN A 280 2.21 16.80 36.50
N ALA A 281 2.92 17.88 36.81
CA ALA A 281 3.03 19.03 35.90
C ALA A 281 3.81 18.63 34.66
N ALA A 282 4.80 17.75 34.84
CA ALA A 282 5.52 17.13 33.72
C ALA A 282 4.57 16.30 32.86
N LYS A 283 3.76 15.46 33.50
CA LYS A 283 2.72 14.68 32.81
C LYS A 283 1.79 15.57 31.97
N SER A 284 1.28 16.63 32.58
CA SER A 284 0.38 17.57 31.89
C SER A 284 0.97 18.20 30.62
N GLU A 285 2.25 18.59 30.68
CA GLU A 285 2.99 19.05 29.48
C GLU A 285 3.11 17.93 28.41
N LEU A 286 3.48 16.73 28.84
CA LEU A 286 3.51 15.57 27.96
C LEU A 286 2.13 15.31 27.35
N ASP A 287 1.07 15.42 28.16
CA ASP A 287 -0.30 15.22 27.69
C ASP A 287 -0.71 16.30 26.68
N LYS A 288 -0.52 17.58 27.02
CA LYS A 288 -0.79 18.67 26.06
C LYS A 288 -0.20 18.38 24.67
N ALA A 289 1.07 17.97 24.66
CA ALA A 289 1.85 17.78 23.45
C ALA A 289 1.42 16.52 22.67
N ILE A 290 1.34 15.39 23.38
CA ILE A 290 0.94 14.11 22.78
C ILE A 290 -0.56 14.14 22.47
N GLY A 291 -1.35 14.75 23.35
CA GLY A 291 -2.79 14.93 23.15
C GLY A 291 -3.65 13.88 23.85
N ARG A 292 -3.15 13.33 24.95
CA ARG A 292 -3.86 12.28 25.66
C ARG A 292 -3.28 12.04 27.04
N ASN A 293 -4.09 11.47 27.93
CA ASN A 293 -3.70 11.19 29.31
C ASN A 293 -2.69 10.02 29.37
N THR A 294 -1.41 10.35 29.24
CA THR A 294 -0.34 9.36 29.13
C THR A 294 -0.03 8.62 30.43
N ASN A 295 -0.21 9.29 31.56
CA ASN A 295 0.32 8.80 32.84
C ASN A 295 1.86 8.65 32.82
N GLY A 296 2.52 9.48 31.99
CA GLY A 296 3.98 9.45 31.86
C GLY A 296 4.55 8.28 31.05
N VAL A 297 3.71 7.60 30.27
CA VAL A 297 4.19 6.55 29.37
C VAL A 297 3.73 6.81 27.91
N ILE A 298 4.68 6.79 26.96
CA ILE A 298 4.34 6.91 25.53
C ILE A 298 4.90 5.76 24.70
N THR A 299 4.27 5.53 23.54
CA THR A 299 4.70 4.51 22.61
C THR A 299 5.95 5.01 21.86
N LYS A 300 6.68 4.06 21.28
CA LYS A 300 7.80 4.35 20.39
C LYS A 300 7.35 5.27 19.25
N ASP A 301 6.08 5.14 18.83
CA ASP A 301 5.52 5.96 17.76
C ASP A 301 5.32 7.42 18.15
N GLU A 302 4.84 7.67 19.37
CA GLU A 302 4.69 9.04 19.84
C GLU A 302 6.04 9.74 20.07
N ALA A 303 7.03 8.95 20.50
CA ALA A 303 8.40 9.42 20.70
C ALA A 303 9.04 9.98 19.40
N GLU A 304 8.80 9.29 18.28
CA GLU A 304 9.23 9.76 16.96
C GLU A 304 8.50 11.05 16.51
N LYS A 305 7.26 11.23 16.95
CA LYS A 305 6.53 12.47 16.65
C LYS A 305 7.07 13.66 17.44
N LEU A 306 7.30 13.47 18.73
CA LEU A 306 7.93 14.51 19.55
C LEU A 306 9.27 14.92 18.93
N PHE A 307 9.99 13.92 18.44
CA PHE A 307 11.31 14.07 17.86
C PHE A 307 11.29 14.82 16.54
N ASN A 308 10.32 14.49 15.68
CA ASN A 308 10.17 15.15 14.38
C ASN A 308 9.80 16.63 14.50
N GLN A 309 9.04 16.99 15.54
CA GLN A 309 8.83 18.39 15.91
C GLN A 309 10.13 19.06 16.37
N ASP A 310 10.80 18.43 17.33
CA ASP A 310 12.09 18.93 17.83
C ASP A 310 13.09 19.15 16.69
N VAL A 311 13.13 18.19 15.77
CA VAL A 311 13.99 18.28 14.59
C VAL A 311 13.59 19.46 13.69
N ASP A 312 12.28 19.68 13.53
CA ASP A 312 11.82 20.87 12.77
C ASP A 312 12.05 22.21 13.51
N ALA A 313 12.20 22.20 14.83
CA ALA A 313 12.60 23.42 15.60
C ALA A 313 14.08 23.77 15.46
N ALA A 314 14.92 22.74 15.48
CA ALA A 314 16.35 22.92 15.38
C ALA A 314 16.75 23.34 13.96
N VAL A 315 16.08 22.80 12.96
CA VAL A 315 16.32 23.22 11.58
C VAL A 315 15.89 24.68 11.40
N ARG A 316 14.71 25.04 11.93
CA ARG A 316 14.22 26.43 11.90
C ARG A 316 15.20 27.43 12.54
N GLY A 317 15.83 27.05 13.65
CA GLY A 317 16.83 27.89 14.32
C GLY A 317 18.16 27.98 13.58
N ILE A 318 18.57 26.87 12.97
CA ILE A 318 19.78 26.81 12.13
C ILE A 318 19.67 27.74 10.93
N LEU A 319 18.49 27.78 10.30
CA LEU A 319 18.24 28.64 9.15
C LEU A 319 18.11 30.13 9.50
N ARG A 320 18.05 30.46 10.79
CA ARG A 320 18.05 31.85 11.24
C ARG A 320 19.38 32.23 11.88
N ASN A 321 20.20 31.23 12.21
CA ASN A 321 21.55 31.48 12.70
C ASN A 321 22.45 31.67 11.49
N ALA A 322 22.97 32.87 11.34
CA ALA A 322 23.82 33.21 10.20
C ALA A 322 25.13 32.40 10.13
N LYS A 323 25.61 31.95 11.29
CA LYS A 323 26.85 31.16 11.33
C LYS A 323 26.63 29.72 10.82
N LEU A 324 25.49 29.13 11.15
CA LEU A 324 25.13 27.78 10.69
C LEU A 324 24.35 27.75 9.35
N LYS A 325 23.74 28.88 8.96
CA LYS A 325 22.78 28.91 7.84
C LYS A 325 23.30 28.37 6.49
N PRO A 326 24.31 29.04 5.89
CA PRO A 326 24.70 28.63 4.54
C PRO A 326 25.40 27.25 4.45
N VAL A 327 25.95 26.77 5.56
CA VAL A 327 26.58 25.44 5.59
C VAL A 327 25.52 24.34 5.51
N TYR A 328 24.46 24.47 6.31
CA TYR A 328 23.32 23.56 6.24
C TYR A 328 22.81 23.42 4.80
N ASP A 329 22.57 24.56 4.15
CA ASP A 329 22.01 24.57 2.78
C ASP A 329 22.82 23.77 1.77
N SER A 330 24.12 23.66 1.99
CA SER A 330 25.03 23.03 1.03
C SER A 330 25.14 21.53 1.22
N LEU A 331 24.45 20.99 2.23
CA LEU A 331 24.68 19.61 2.66
C LEU A 331 23.57 18.63 2.26
N ASP A 332 23.98 17.39 2.05
CA ASP A 332 23.06 16.30 1.75
C ASP A 332 22.20 15.98 2.97
N ALA A 333 21.22 15.10 2.77
CA ALA A 333 20.37 14.62 3.86
C ALA A 333 21.18 14.07 5.04
N VAL A 334 22.07 13.13 4.76
CA VAL A 334 22.82 12.46 5.81
C VAL A 334 23.69 13.42 6.64
N ARG A 335 24.42 14.30 5.94
CA ARG A 335 25.30 15.27 6.59
C ARG A 335 24.54 16.35 7.36
N ARG A 336 23.32 16.66 6.92
CA ARG A 336 22.45 17.54 7.70
C ARG A 336 22.02 16.86 8.99
N ALA A 337 21.76 15.56 8.91
CA ALA A 337 21.48 14.77 10.12
C ALA A 337 22.65 14.89 11.10
N ALA A 338 23.87 14.80 10.57
CA ALA A 338 25.09 14.97 11.36
C ALA A 338 25.21 16.35 12.03
N LEU A 339 24.70 17.41 11.41
CA LEU A 339 24.73 18.74 12.06
C LEU A 339 23.65 18.88 13.14
N ILE A 340 22.44 18.38 12.85
CA ILE A 340 21.29 18.50 13.76
C ILE A 340 21.52 17.72 15.05
N ASN A 341 22.24 16.59 14.92
CA ASN A 341 22.67 15.76 16.03
C ASN A 341 23.58 16.54 16.97
N MET A 342 24.53 17.27 16.40
CA MET A 342 25.42 18.11 17.20
C MET A 342 24.64 19.21 17.93
N VAL A 343 23.69 19.82 17.23
CA VAL A 343 22.86 20.88 17.82
C VAL A 343 22.04 20.35 18.98
N PHE A 344 21.53 19.14 18.86
CA PHE A 344 20.84 18.50 19.98
C PHE A 344 21.74 18.19 21.18
N GLN A 345 23.00 17.85 20.92
CA GLN A 345 23.95 17.52 21.98
C GLN A 345 24.41 18.77 22.72
N MET A 346 24.94 19.74 21.98
CA MET A 346 25.53 20.92 22.58
C MET A 346 24.86 22.25 22.17
N GLY A 347 23.65 22.20 21.63
CA GLY A 347 22.88 23.42 21.41
C GLY A 347 23.41 24.28 20.28
N GLU A 348 22.56 25.17 19.82
CA GLU A 348 22.83 26.00 18.63
C GLU A 348 24.00 26.95 18.82
N THR A 349 24.12 27.59 19.97
CA THR A 349 25.27 28.49 20.23
C THR A 349 26.57 27.73 20.03
N GLY A 350 26.65 26.53 20.62
CA GLY A 350 27.85 25.70 20.55
C GLY A 350 28.27 25.34 19.13
N VAL A 351 27.33 24.83 18.33
CA VAL A 351 27.64 24.40 16.96
C VAL A 351 27.99 25.57 16.03
N ALA A 352 27.50 26.76 16.37
CA ALA A 352 27.83 27.98 15.65
C ALA A 352 29.30 28.38 15.86
N GLY A 353 29.90 27.82 16.89
CA GLY A 353 31.28 28.06 17.23
C GLY A 353 32.36 27.17 16.65
N PHE A 354 32.04 26.16 15.87
CA PHE A 354 33.08 25.37 15.23
C PHE A 354 33.41 26.00 13.91
N THR A 355 33.89 27.23 13.92
CA THR A 355 34.00 28.03 12.73
C THR A 355 34.83 27.55 11.59
N ASN A 356 36.02 27.07 11.84
CA ASN A 356 36.82 26.54 10.79
C ASN A 356 36.28 25.24 10.22
N SER A 357 35.82 24.36 11.10
CA SER A 357 35.34 23.06 10.74
C SER A 357 34.12 23.12 9.86
N LEU A 358 33.23 24.03 10.18
CA LEU A 358 32.02 24.26 9.37
C LEU A 358 32.35 24.77 7.96
N ARG A 359 33.23 25.77 7.84
CA ARG A 359 33.64 26.24 6.52
C ARG A 359 34.16 25.06 5.70
N MET A 360 34.94 24.20 6.32
CA MET A 360 35.46 23.01 5.65
C MET A 360 34.30 22.13 5.15
N LEU A 361 33.29 21.92 5.98
CA LEU A 361 32.10 21.16 5.55
C LEU A 361 31.34 21.88 4.42
N GLN A 362 31.33 23.21 4.46
CA GLN A 362 30.68 24.02 3.42
C GLN A 362 31.40 23.96 2.08
N GLN A 363 32.73 23.93 2.12
CA GLN A 363 33.54 23.77 0.92
C GLN A 363 33.45 22.37 0.32
N LYS A 364 32.99 21.40 1.12
CA LYS A 364 32.91 19.99 0.72
C LYS A 364 34.31 19.40 0.59
N ARG A 365 35.09 19.55 1.66
CA ARG A 365 36.37 18.86 1.84
C ARG A 365 36.25 18.16 3.18
N TRP A 366 35.89 16.89 3.11
CA TRP A 366 35.34 16.19 4.25
C TRP A 366 36.42 15.69 5.22
N ASP A 367 37.52 15.18 4.68
CA ASP A 367 38.56 14.55 5.51
C ASP A 367 39.29 15.52 6.44
N GLU A 368 39.61 16.73 5.97
CA GLU A 368 40.27 17.71 6.83
C GLU A 368 39.31 18.28 7.89
N ALA A 369 38.05 18.50 7.49
CA ALA A 369 36.98 18.85 8.42
C ALA A 369 36.78 17.76 9.47
N ALA A 370 36.89 16.50 9.05
CA ALA A 370 36.84 15.36 9.95
C ALA A 370 38.13 15.20 10.75
N VAL A 371 39.25 15.68 10.22
CA VAL A 371 40.51 15.71 10.97
C VAL A 371 40.41 16.80 12.04
N ASN A 372 39.86 17.94 11.64
CA ASN A 372 39.72 19.08 12.53
C ASN A 372 38.71 18.84 13.66
N LEU A 373 37.53 18.31 13.31
CA LEU A 373 36.49 18.03 14.31
C LEU A 373 36.97 17.09 15.44
N ALA A 374 37.87 16.16 15.12
CA ALA A 374 38.48 15.27 16.11
C ALA A 374 39.55 15.95 17.01
N LYS A 375 39.87 17.21 16.75
CA LYS A 375 40.79 17.99 17.58
C LYS A 375 40.10 18.93 18.59
N SER A 376 38.77 18.87 18.67
CA SER A 376 37.99 19.74 19.54
C SER A 376 37.73 19.12 20.92
N ARG A 377 37.35 19.99 21.87
CA ARG A 377 37.03 19.58 23.24
C ARG A 377 35.88 18.57 23.25
N TRP A 378 34.90 18.83 22.39
CA TRP A 378 33.72 17.98 22.20
C TRP A 378 34.11 16.53 21.94
N TYR A 379 35.12 16.32 21.11
CA TYR A 379 35.60 14.99 20.76
C TYR A 379 36.31 14.31 21.95
N ASN A 380 37.12 15.07 22.69
CA ASN A 380 37.84 14.50 23.84
C ASN A 380 36.89 14.09 24.95
N GLN A 381 35.79 14.82 25.07
CA GLN A 381 34.79 14.56 26.10
C GLN A 381 33.80 13.46 25.76
N THR A 382 33.25 13.49 24.54
CA THR A 382 32.30 12.47 24.07
C THR A 382 32.83 11.81 22.80
N PRO A 383 33.94 11.06 22.91
CA PRO A 383 34.64 10.54 21.71
C PRO A 383 33.85 9.53 20.90
N ASN A 384 33.17 8.61 21.58
CA ASN A 384 32.38 7.60 20.90
C ASN A 384 31.36 8.23 19.96
N ARG A 385 30.51 9.09 20.53
CA ARG A 385 29.42 9.76 19.81
C ARG A 385 29.93 10.67 18.69
N ALA A 386 30.96 11.44 19.00
CA ALA A 386 31.58 12.35 18.05
C ALA A 386 32.38 11.57 17.00
N LYS A 387 32.94 10.42 17.38
CA LYS A 387 33.55 9.54 16.38
C LYS A 387 32.50 9.22 15.27
N ARG A 388 31.32 8.75 15.72
CA ARG A 388 30.22 8.42 14.81
C ARG A 388 29.80 9.60 13.92
N VAL A 389 29.48 10.74 14.53
CA VAL A 389 29.07 11.97 13.83
C VAL A 389 30.06 12.39 12.72
N ILE A 390 31.35 12.29 13.02
CA ILE A 390 32.41 12.70 12.10
C ILE A 390 32.50 11.73 10.93
N THR A 391 32.31 10.43 11.22
CA THR A 391 32.24 9.40 10.18
C THR A 391 31.12 9.70 9.19
N THR A 392 30.03 10.28 9.68
CA THR A 392 28.91 10.66 8.82
C THR A 392 29.25 11.88 7.97
N PHE A 393 29.88 12.87 8.60
CA PHE A 393 30.35 14.06 7.89
C PHE A 393 31.39 13.69 6.84
N ARG A 394 32.18 12.67 7.13
CA ARG A 394 33.31 12.31 6.26
C ARG A 394 32.83 11.58 5.00
N THR A 395 32.01 10.54 5.21
CA THR A 395 31.61 9.62 4.15
C THR A 395 30.20 9.85 3.61
N GLY A 396 29.35 10.52 4.39
CA GLY A 396 27.95 10.75 4.01
C GLY A 396 27.00 9.55 4.07
N THR A 397 27.48 8.42 4.60
CA THR A 397 26.66 7.21 4.74
C THR A 397 26.37 6.94 6.22
N TRP A 398 25.41 6.05 6.51
CA TRP A 398 25.09 5.69 7.90
C TRP A 398 25.93 4.51 8.43
N ASP A 399 27.13 4.30 7.88
CA ASP A 399 27.96 3.15 8.27
C ASP A 399 28.27 3.08 9.78
N ALA A 400 28.32 4.23 10.43
CA ALA A 400 28.66 4.31 11.86
C ALA A 400 27.47 3.98 12.78
N TYR A 401 26.29 3.99 12.20
CA TYR A 401 25.06 3.81 12.92
C TYR A 401 24.31 2.60 12.42
N GLY A 402 24.86 1.83 11.50
CA GLY A 402 24.11 0.77 10.89
C GLY A 402 24.09 -0.76 10.99
N SER A 403 25.28 -1.33 10.97
CA SER A 403 25.55 -2.66 10.42
C SER A 403 24.88 -3.70 11.29
N LYS A 404 24.53 -4.79 10.64
CA LYS A 404 25.20 -6.10 10.54
C LYS A 404 25.21 -6.41 9.04
N GLY A 405 25.76 -5.48 8.28
CA GLY A 405 25.65 -5.45 6.82
C GLY A 405 26.50 -6.44 6.04
N HIS A 406 27.11 -7.39 6.74
CA HIS A 406 27.85 -8.48 6.11
C HIS A 406 26.88 -9.62 5.84
N GLN A 407 25.96 -9.84 6.79
CA GLN A 407 24.86 -10.80 6.60
C GLN A 407 23.78 -10.23 5.67
N LYS A 408 23.44 -8.94 5.81
CA LYS A 408 22.47 -8.28 4.93
C LYS A 408 22.88 -8.33 3.46
N ARG A 409 24.16 -8.14 3.16
CA ARG A 409 24.64 -8.21 1.79
C ARG A 409 24.65 -9.65 1.23
N LYS A 410 24.85 -10.64 2.11
CA LYS A 410 24.73 -12.05 1.73
C LYS A 410 23.27 -12.40 1.45
N ALA A 411 22.36 -11.75 2.18
CA ALA A 411 20.92 -11.91 1.98
C ALA A 411 20.49 -11.31 0.62
N LEU A 412 21.06 -10.17 0.26
CA LEU A 412 20.76 -9.49 -0.99
C LEU A 412 21.27 -10.32 -2.15
N LYS A 413 22.46 -10.90 -1.98
CA LYS A 413 23.14 -11.64 -3.05
C LYS A 413 22.37 -12.91 -3.37
N THR A 414 21.97 -13.63 -2.32
CA THR A 414 21.12 -14.83 -2.47
C THR A 414 19.85 -14.52 -3.23
N THR A 415 19.12 -13.51 -2.78
CA THR A 415 17.88 -13.19 -3.42
C THR A 415 18.10 -12.82 -4.89
N VAL A 416 19.12 -12.03 -5.21
CA VAL A 416 19.35 -11.67 -6.61
C VAL A 416 19.67 -12.91 -7.50
N ILE A 417 20.49 -13.82 -6.98
CA ILE A 417 20.85 -15.05 -7.69
C ILE A 417 19.63 -15.95 -7.92
N LEU A 418 18.83 -16.14 -6.88
CA LEU A 418 17.62 -16.98 -6.94
C LEU A 418 16.72 -16.48 -8.06
N ILE A 419 16.32 -15.23 -7.94
CA ILE A 419 15.50 -14.54 -8.94
C ILE A 419 16.10 -14.48 -10.38
N LEU A 420 17.36 -14.07 -10.55
CA LEU A 420 17.90 -14.00 -11.92
C LEU A 420 17.89 -15.38 -12.62
N ALA A 421 18.28 -16.42 -11.87
CA ALA A 421 18.30 -17.78 -12.40
C ALA A 421 16.90 -18.26 -12.73
N PHE A 422 15.93 -17.86 -11.92
CA PHE A 422 14.55 -18.26 -12.15
C PHE A 422 14.17 -17.73 -13.51
N PHE A 423 14.38 -16.43 -13.73
N PHE A 423 14.36 -16.43 -13.70
CA PHE A 423 14.03 -15.88 -15.02
CA PHE A 423 14.07 -15.80 -14.99
C PHE A 423 14.87 -16.47 -16.14
C PHE A 423 14.86 -16.45 -16.11
N ALA A 424 16.12 -16.83 -15.84
CA ALA A 424 17.00 -17.41 -16.86
C ALA A 424 16.50 -18.77 -17.41
N CYS A 425 16.05 -19.62 -16.50
CA CYS A 425 15.34 -20.85 -16.80
C CYS A 425 14.14 -20.62 -17.71
N TRP A 426 13.32 -19.66 -17.35
CA TRP A 426 12.08 -19.40 -18.08
C TRP A 426 12.26 -18.64 -19.38
N LEU A 427 13.42 -18.04 -19.60
CA LEU A 427 13.57 -17.12 -20.74
C LEU A 427 13.43 -17.77 -22.16
N PRO A 428 14.04 -18.97 -22.39
CA PRO A 428 13.91 -19.56 -23.75
C PRO A 428 12.48 -19.92 -24.05
N TYR A 429 11.73 -20.29 -23.03
CA TYR A 429 10.30 -20.52 -23.20
C TYR A 429 9.52 -19.24 -23.50
N TYR A 430 9.87 -18.11 -22.88
CA TYR A 430 9.18 -16.86 -23.23
C TYR A 430 9.47 -16.49 -24.68
N ILE A 431 10.67 -16.80 -25.17
CA ILE A 431 11.01 -16.49 -26.57
C ILE A 431 10.15 -17.34 -27.51
N GLY A 432 9.97 -18.61 -27.19
CA GLY A 432 9.08 -19.49 -27.96
C GLY A 432 7.65 -19.00 -28.06
N ILE A 433 7.08 -18.57 -26.95
CA ILE A 433 5.70 -18.11 -26.85
C ILE A 433 5.50 -16.81 -27.65
N SER A 434 6.51 -15.94 -27.56
CA SER A 434 6.56 -14.69 -28.32
C SER A 434 6.58 -14.97 -29.82
N ILE A 435 7.27 -16.02 -30.23
CA ILE A 435 7.30 -16.42 -31.64
C ILE A 435 5.91 -16.90 -32.04
N ASP A 436 5.32 -17.78 -31.24
CA ASP A 436 3.92 -18.22 -31.46
C ASP A 436 2.93 -17.07 -31.52
N SER A 437 3.08 -16.10 -30.62
CA SER A 437 2.28 -14.86 -30.65
C SER A 437 2.42 -14.14 -31.99
N PHE A 438 3.63 -14.05 -32.52
CA PHE A 438 3.83 -13.42 -33.82
C PHE A 438 3.09 -14.11 -34.97
N ILE A 439 2.88 -15.42 -34.84
CA ILE A 439 2.24 -16.22 -35.87
C ILE A 439 0.77 -15.85 -35.87
N LEU A 440 0.12 -16.04 -34.73
CA LEU A 440 -1.29 -15.73 -34.58
C LEU A 440 -1.66 -14.27 -34.88
N LEU A 441 -0.80 -13.35 -34.50
CA LEU A 441 -1.06 -11.95 -34.69
C LEU A 441 -0.64 -11.44 -36.07
N GLU A 442 -0.08 -12.33 -36.89
CA GLU A 442 0.47 -12.01 -38.22
C GLU A 442 1.60 -10.98 -38.24
N ILE A 443 2.43 -10.99 -37.19
CA ILE A 443 3.65 -10.19 -37.21
C ILE A 443 4.68 -10.85 -38.10
N ILE A 444 4.60 -12.19 -38.25
CA ILE A 444 5.30 -12.97 -39.28
C ILE A 444 4.35 -13.93 -40.01
N LYS A 445 4.71 -14.32 -41.22
CA LYS A 445 3.91 -15.21 -42.04
C LYS A 445 4.80 -16.25 -42.67
N GLN A 446 4.92 -17.37 -41.97
CA GLN A 446 5.64 -18.52 -42.44
C GLN A 446 4.65 -19.66 -42.64
N GLY A 447 5.11 -20.76 -43.21
CA GLY A 447 4.27 -21.90 -43.48
C GLY A 447 4.16 -22.84 -42.31
N CYS A 448 3.64 -24.04 -42.58
CA CYS A 448 3.32 -25.04 -41.56
C CYS A 448 4.57 -25.62 -40.91
N GLU A 449 5.58 -25.89 -41.72
CA GLU A 449 6.86 -26.40 -41.26
C GLU A 449 7.45 -25.53 -40.16
N PHE A 450 7.44 -24.22 -40.38
CA PHE A 450 8.00 -23.24 -39.44
C PHE A 450 7.21 -23.29 -38.16
N GLU A 451 5.88 -23.26 -38.26
CA GLU A 451 5.01 -23.34 -37.07
C GLU A 451 5.28 -24.64 -36.31
N ASN A 452 5.38 -25.76 -37.02
CA ASN A 452 5.72 -27.05 -36.37
C ASN A 452 7.04 -27.02 -35.63
N THR A 453 8.06 -26.35 -36.19
CA THR A 453 9.36 -26.24 -35.52
C THR A 453 9.26 -25.37 -34.24
N VAL A 454 8.45 -24.34 -34.28
CA VAL A 454 8.23 -23.54 -33.11
C VAL A 454 7.47 -24.38 -32.06
N HIS A 455 6.50 -25.18 -32.49
CA HIS A 455 5.71 -25.93 -31.52
C HIS A 455 6.60 -26.84 -30.70
N LYS A 456 7.53 -27.51 -31.36
CA LYS A 456 8.39 -28.48 -30.70
C LYS A 456 9.44 -27.85 -29.77
N TRP A 457 9.87 -26.62 -30.07
CA TRP A 457 10.88 -25.99 -29.23
C TRP A 457 10.26 -25.36 -27.98
N ILE A 458 8.96 -25.01 -28.07
CA ILE A 458 8.17 -24.60 -26.91
C ILE A 458 8.01 -25.77 -25.92
N SER A 459 7.76 -26.98 -26.42
CA SER A 459 7.77 -28.16 -25.57
C SER A 459 9.15 -28.39 -24.93
N ILE A 460 10.21 -28.22 -25.73
CA ILE A 460 11.58 -28.40 -25.24
C ILE A 460 11.83 -27.45 -24.10
N THR A 461 11.55 -26.18 -24.33
CA THR A 461 11.98 -25.10 -23.43
C THR A 461 11.15 -25.03 -22.15
N GLU A 462 9.88 -25.33 -22.26
CA GLU A 462 9.05 -25.44 -21.10
C GLU A 462 9.59 -26.55 -20.17
N ALA A 463 9.86 -27.70 -20.77
CA ALA A 463 10.49 -28.81 -20.08
C ALA A 463 11.75 -28.38 -19.34
N LEU A 464 12.67 -27.73 -20.06
CA LEU A 464 13.91 -27.21 -19.48
C LEU A 464 13.67 -26.14 -18.39
N ALA A 465 12.60 -25.36 -18.56
CA ALA A 465 12.21 -24.30 -17.66
C ALA A 465 11.81 -24.86 -16.31
N PHE A 466 11.42 -26.13 -16.26
CA PHE A 466 11.01 -26.73 -15.00
C PHE A 466 12.16 -26.99 -14.06
N PHE A 467 13.41 -26.86 -14.54
CA PHE A 467 14.56 -26.81 -13.62
C PHE A 467 14.41 -25.67 -12.60
N HIS A 468 13.53 -24.70 -12.84
CA HIS A 468 13.28 -23.65 -11.83
C HIS A 468 13.00 -24.30 -10.47
N CYS A 469 12.39 -25.47 -10.49
CA CYS A 469 12.05 -26.21 -9.28
C CYS A 469 13.23 -26.71 -8.44
N CYS A 470 14.42 -26.76 -9.03
CA CYS A 470 15.59 -27.31 -8.34
C CYS A 470 16.57 -26.24 -7.92
N LEU A 471 16.32 -25.00 -8.34
CA LEU A 471 17.18 -23.88 -7.97
C LEU A 471 17.19 -23.72 -6.46
N ASN A 472 16.01 -23.58 -5.87
CA ASN A 472 15.90 -23.29 -4.45
C ASN A 472 16.72 -24.34 -3.64
N PRO A 473 16.39 -25.63 -3.79
CA PRO A 473 17.28 -26.60 -3.13
C PRO A 473 18.78 -26.48 -3.47
N ILE A 474 19.14 -26.31 -4.73
CA ILE A 474 20.54 -26.28 -5.06
C ILE A 474 21.27 -25.16 -4.33
N LEU A 475 20.65 -23.99 -4.26
CA LEU A 475 21.25 -22.85 -3.60
C LEU A 475 21.61 -23.09 -2.13
N TYR A 476 20.92 -24.04 -1.51
CA TYR A 476 21.25 -24.45 -0.13
C TYR A 476 22.30 -25.56 -0.11
N ALA A 477 22.73 -26.04 -1.26
CA ALA A 477 23.72 -27.12 -1.30
C ALA A 477 25.07 -26.66 -0.72
N PHE A 478 25.79 -27.58 -0.08
CA PHE A 478 27.18 -27.32 0.34
C PHE A 478 27.40 -26.25 1.40
N LEU A 479 26.41 -25.92 2.22
CA LEU A 479 26.61 -24.90 3.26
C LEU A 479 27.54 -25.42 4.32
N GLY A 480 28.60 -24.68 4.58
CA GLY A 480 29.63 -25.08 5.55
C GLY A 480 30.80 -25.81 4.92
N ALA A 481 30.60 -26.39 3.74
CA ALA A 481 31.65 -27.12 3.06
C ALA A 481 32.77 -26.17 2.65
N LYS A 482 34.00 -26.69 2.66
CA LYS A 482 35.13 -26.02 2.03
C LYS A 482 35.69 -26.92 0.91
N PHE A 483 35.97 -26.32 -0.24
CA PHE A 483 36.50 -27.09 -1.36
C PHE A 483 38.01 -26.98 -1.36
N LYS A 484 38.65 -27.78 -0.52
CA LYS A 484 40.11 -27.74 -0.35
C LYS A 484 40.83 -29.08 -0.56
N THR A 485 40.09 -30.15 -0.85
CA THR A 485 40.68 -31.51 -0.89
C THR A 485 40.91 -32.01 -2.32
N SER A 486 42.17 -32.03 -2.74
CA SER A 486 42.52 -32.69 -3.98
C SER A 486 42.96 -34.11 -3.67
N ALA A 487 43.17 -34.89 -4.73
CA ALA A 487 43.61 -36.27 -4.59
C ALA A 487 44.86 -36.29 -3.76
N GLN A 488 45.71 -35.27 -3.88
CA GLN A 488 46.97 -35.22 -3.10
C GLN A 488 46.67 -35.04 -1.58
N HIS A 489 45.67 -34.23 -1.25
CA HIS A 489 45.22 -34.11 0.16
C HIS A 489 44.64 -35.41 0.73
N ALA A 490 44.29 -36.36 -0.14
CA ALA A 490 43.85 -37.67 0.32
C ALA A 490 45.04 -38.65 0.41
N LEU A 491 46.07 -38.40 -0.40
CA LEU A 491 47.29 -39.21 -0.34
C LEU A 491 48.28 -38.76 0.74
N THR A 492 48.12 -37.53 1.24
CA THR A 492 49.05 -36.90 2.19
C THR A 492 48.29 -35.90 3.07
N SER A 493 48.99 -35.15 3.90
CA SER A 493 48.31 -34.14 4.72
C SER A 493 48.38 -32.76 4.09
N GLY A 494 48.71 -32.68 2.80
CA GLY A 494 48.81 -31.41 2.06
C GLY A 494 50.17 -31.11 1.43
N ARG A 495 50.42 -29.81 1.21
CA ARG A 495 51.73 -29.30 0.76
C ARG A 495 52.26 -28.45 1.90
N PRO A 496 53.61 -28.34 2.03
CA PRO A 496 54.13 -27.67 3.24
C PRO A 496 53.63 -26.25 3.37
N LEU A 497 53.37 -25.80 4.59
CA LEU A 497 52.99 -24.41 4.88
C LEU A 497 51.76 -23.91 4.11
N GLU A 498 50.64 -24.62 4.23
CA GLU A 498 49.39 -24.18 3.61
C GLU A 498 48.89 -22.90 4.28
N VAL A 499 49.24 -22.73 5.56
CA VAL A 499 48.78 -21.57 6.32
C VAL A 499 49.35 -20.23 5.80
N LEU A 500 50.48 -20.30 5.12
CA LEU A 500 51.08 -19.13 4.45
C LEU A 500 50.22 -18.68 3.24
N PHE A 501 49.51 -19.61 2.62
CA PHE A 501 48.80 -19.34 1.37
C PHE A 501 47.26 -19.36 1.51
N GLN A 502 46.76 -19.57 2.73
CA GLN A 502 45.32 -19.58 3.02
C GLN A 502 44.49 -18.67 2.10
N CYS B 38 -24.16 -10.21 -41.65
CA CYS B 38 -24.02 -9.41 -40.40
C CYS B 38 -23.09 -8.21 -40.60
N PHE B 39 -23.67 -7.01 -40.65
CA PHE B 39 -22.91 -5.78 -40.87
C PHE B 39 -23.18 -4.79 -39.74
N ARG B 40 -22.31 -3.80 -39.61
CA ARG B 40 -22.51 -2.71 -38.67
C ARG B 40 -23.60 -1.77 -39.21
N GLU B 41 -24.40 -1.23 -38.33
CA GLU B 41 -25.47 -0.35 -38.73
C GLU B 41 -25.60 0.88 -37.83
N GLU B 42 -24.95 2.01 -38.14
CA GLU B 42 -25.15 3.21 -37.31
C GLU B 42 -26.57 3.74 -37.50
N ASN B 43 -27.17 4.17 -36.40
CA ASN B 43 -28.57 4.60 -36.33
C ASN B 43 -28.63 6.06 -36.37
N ALA B 44 -29.42 6.63 -37.26
CA ALA B 44 -29.50 8.07 -37.27
C ALA B 44 -30.30 8.66 -36.15
N ASN B 45 -31.52 8.18 -35.97
CA ASN B 45 -32.41 8.86 -35.06
C ASN B 45 -31.81 8.92 -33.69
N PHE B 46 -31.11 7.90 -33.26
CA PHE B 46 -30.65 8.11 -31.96
C PHE B 46 -29.23 8.37 -31.62
N ASN B 47 -28.30 7.69 -32.25
CA ASN B 47 -26.92 7.86 -31.88
C ASN B 47 -26.34 9.08 -32.55
N LYS B 48 -26.69 9.33 -33.79
CA LYS B 48 -26.28 10.48 -34.57
C LYS B 48 -26.72 11.79 -33.96
N ILE B 49 -27.79 11.78 -33.18
CA ILE B 49 -28.24 12.91 -32.43
C ILE B 49 -27.93 12.89 -30.93
N PHE B 50 -28.13 11.77 -30.27
CA PHE B 50 -27.96 11.65 -28.83
C PHE B 50 -26.50 11.86 -28.39
N LEU B 51 -25.56 11.17 -29.03
CA LEU B 51 -24.14 11.20 -28.65
C LEU B 51 -23.44 12.57 -28.76
N PRO B 52 -23.61 13.27 -29.88
CA PRO B 52 -22.92 14.55 -30.00
C PRO B 52 -23.38 15.59 -28.96
N THR B 53 -24.67 15.53 -28.60
CA THR B 53 -25.26 16.27 -27.48
C THR B 53 -24.63 15.95 -26.12
N ILE B 54 -24.50 14.66 -25.81
CA ILE B 54 -23.81 14.23 -24.60
C ILE B 54 -22.38 14.72 -24.68
N TYR B 55 -21.73 14.48 -25.81
CA TYR B 55 -20.35 14.96 -25.99
C TYR B 55 -20.19 16.47 -25.75
N SER B 56 -21.10 17.27 -26.29
CA SER B 56 -21.06 18.74 -26.20
C SER B 56 -21.27 19.29 -24.78
N ILE B 57 -22.15 18.65 -24.03
CA ILE B 57 -22.47 19.05 -22.65
C ILE B 57 -21.28 18.84 -21.71
N ILE B 58 -20.58 17.73 -21.93
CA ILE B 58 -19.39 17.37 -21.15
C ILE B 58 -18.29 18.29 -21.51
N PHE B 59 -18.09 18.44 -22.82
CA PHE B 59 -17.21 19.49 -23.33
C PHE B 59 -17.48 20.80 -22.57
N LEU B 60 -18.71 21.29 -22.61
CA LEU B 60 -19.03 22.59 -22.06
C LEU B 60 -18.81 22.67 -20.54
N THR B 61 -19.41 21.75 -19.81
CA THR B 61 -19.34 21.75 -18.37
C THR B 61 -17.96 21.32 -17.94
N GLY B 62 -17.26 20.59 -18.81
CA GLY B 62 -15.93 20.05 -18.53
C GLY B 62 -14.78 21.02 -18.64
N ILE B 63 -14.76 21.83 -19.70
CA ILE B 63 -13.79 22.93 -19.76
C ILE B 63 -13.95 23.89 -18.56
N VAL B 64 -15.18 24.30 -18.27
CA VAL B 64 -15.42 25.32 -17.25
C VAL B 64 -15.04 24.79 -15.87
N GLY B 65 -15.45 23.56 -15.56
CA GLY B 65 -15.33 23.00 -14.21
C GLY B 65 -13.90 22.67 -13.89
N ASN B 66 -13.29 21.88 -14.77
CA ASN B 66 -11.89 21.51 -14.66
C ASN B 66 -10.93 22.69 -14.80
N GLY B 67 -11.17 23.52 -15.82
CA GLY B 67 -10.44 24.77 -15.99
C GLY B 67 -10.46 25.64 -14.75
N LEU B 68 -11.58 25.62 -14.03
CA LEU B 68 -11.65 26.35 -12.77
C LEU B 68 -10.80 25.69 -11.71
N VAL B 69 -10.85 24.36 -11.61
CA VAL B 69 -10.04 23.68 -10.58
C VAL B 69 -8.58 23.99 -10.85
N ILE B 70 -8.19 23.98 -12.12
CA ILE B 70 -6.79 24.20 -12.49
C ILE B 70 -6.32 25.61 -12.10
N LEU B 71 -7.08 26.63 -12.47
CA LEU B 71 -6.68 28.02 -12.22
C LEU B 71 -6.86 28.39 -10.75
N VAL B 72 -7.98 28.01 -10.16
CA VAL B 72 -8.21 28.32 -8.75
C VAL B 72 -7.16 27.75 -7.81
N MET B 73 -6.75 26.50 -7.96
CA MET B 73 -5.70 25.98 -7.08
C MET B 73 -4.34 26.27 -7.69
N GLY B 74 -4.12 25.75 -8.89
CA GLY B 74 -2.91 26.09 -9.66
C GLY B 74 -2.26 27.46 -9.63
N TYR B 75 -2.94 28.46 -10.20
CA TYR B 75 -2.46 29.85 -10.18
C TYR B 75 -2.42 30.54 -8.82
N GLN B 76 -3.61 30.77 -8.33
CA GLN B 76 -3.84 31.48 -7.10
C GLN B 76 -3.57 30.92 -5.69
N LYS B 77 -4.04 29.74 -5.39
CA LYS B 77 -4.00 29.25 -4.03
C LYS B 77 -2.85 28.33 -3.72
N LYS B 78 -1.94 28.81 -2.87
CA LYS B 78 -0.75 28.06 -2.42
C LYS B 78 -0.75 26.85 -1.48
N LEU B 79 -1.48 26.89 -0.38
CA LEU B 79 -1.24 25.79 0.53
C LEU B 79 -2.09 24.63 0.23
N ARG B 80 -1.43 23.57 -0.23
CA ARG B 80 -2.14 22.45 -0.74
C ARG B 80 -2.15 21.16 0.02
N SER B 81 -3.37 20.67 0.15
CA SER B 81 -3.80 19.41 0.74
C SER B 81 -3.48 18.30 -0.20
N MET B 82 -3.17 17.14 0.33
CA MET B 82 -2.73 16.05 -0.51
C MET B 82 -3.76 15.56 -1.48
N THR B 83 -4.98 15.39 -1.01
CA THR B 83 -6.06 15.03 -1.89
C THR B 83 -6.21 16.10 -2.96
N ASP B 84 -6.16 17.38 -2.57
CA ASP B 84 -6.20 18.46 -3.56
C ASP B 84 -5.11 18.40 -4.60
N LYS B 85 -3.91 17.98 -4.20
CA LYS B 85 -2.80 17.81 -5.14
C LYS B 85 -3.16 16.83 -6.23
N TYR B 86 -3.79 15.72 -5.84
CA TYR B 86 -4.17 14.66 -6.77
C TYR B 86 -5.35 15.10 -7.61
N ARG B 87 -6.28 15.81 -7.01
CA ARG B 87 -7.40 16.31 -7.76
C ARG B 87 -7.01 17.38 -8.80
N LEU B 88 -5.83 17.97 -8.64
CA LEU B 88 -5.28 18.87 -9.64
C LEU B 88 -4.88 18.07 -10.87
N HIS B 89 -4.15 16.98 -10.60
CA HIS B 89 -3.78 16.01 -11.61
C HIS B 89 -5.04 15.47 -12.35
N LEU B 90 -6.07 15.10 -11.62
CA LEU B 90 -7.28 14.54 -12.22
C LEU B 90 -7.85 15.55 -13.19
N SER B 91 -8.05 16.77 -12.73
CA SER B 91 -8.60 17.85 -13.57
C SER B 91 -7.75 18.21 -14.79
N VAL B 92 -6.44 18.05 -14.71
CA VAL B 92 -5.59 18.19 -15.90
C VAL B 92 -5.85 17.06 -16.90
N ALA B 93 -5.96 15.84 -16.40
CA ALA B 93 -6.29 14.69 -17.24
C ALA B 93 -7.67 14.85 -17.88
N ASP B 94 -8.62 15.40 -17.14
CA ASP B 94 -9.95 15.58 -17.68
C ASP B 94 -10.13 16.77 -18.63
N LEU B 95 -9.43 17.87 -18.42
CA LEU B 95 -9.53 18.99 -19.35
C LEU B 95 -8.89 18.60 -20.68
N LEU B 96 -7.78 17.86 -20.63
CA LEU B 96 -7.10 17.41 -21.84
C LEU B 96 -8.02 16.53 -22.68
N PHE B 97 -8.70 15.59 -22.04
CA PHE B 97 -9.58 14.70 -22.78
C PHE B 97 -10.76 15.48 -23.33
N VAL B 98 -11.32 16.32 -22.48
CA VAL B 98 -12.51 17.09 -22.74
C VAL B 98 -12.36 18.11 -23.87
N ILE B 99 -11.18 18.71 -24.03
CA ILE B 99 -10.96 19.61 -25.18
C ILE B 99 -10.99 18.87 -26.55
N THR B 100 -10.86 17.55 -26.54
CA THR B 100 -10.93 16.77 -27.78
C THR B 100 -12.35 16.28 -28.11
N LEU B 101 -13.32 16.52 -27.22
CA LEU B 101 -14.68 16.06 -27.47
C LEU B 101 -15.40 16.66 -28.72
N PRO B 102 -15.12 17.93 -29.09
CA PRO B 102 -15.77 18.42 -30.31
C PRO B 102 -15.48 17.54 -31.54
N PHE B 103 -14.31 16.90 -31.58
CA PHE B 103 -13.98 15.96 -32.68
C PHE B 103 -14.92 14.73 -32.70
N TRP B 104 -15.08 14.14 -31.51
CA TRP B 104 -16.02 13.06 -31.28
C TRP B 104 -17.43 13.39 -31.75
N ALA B 105 -17.85 14.61 -31.41
CA ALA B 105 -19.17 15.12 -31.75
C ALA B 105 -19.34 15.27 -33.25
N VAL B 106 -18.37 15.88 -33.93
CA VAL B 106 -18.39 15.99 -35.41
C VAL B 106 -18.28 14.64 -36.08
N ASP B 107 -17.35 13.84 -35.59
CA ASP B 107 -17.19 12.47 -36.07
C ASP B 107 -18.51 11.72 -36.00
N ALA B 108 -19.25 11.89 -34.90
CA ALA B 108 -20.49 11.17 -34.75
C ALA B 108 -21.61 11.67 -35.66
N VAL B 109 -21.71 12.99 -35.85
CA VAL B 109 -22.86 13.53 -36.57
C VAL B 109 -22.61 13.30 -38.07
N ALA B 110 -21.42 13.74 -38.55
CA ALA B 110 -21.12 13.66 -39.99
C ALA B 110 -19.95 12.85 -40.49
N ASN B 111 -18.76 13.24 -40.07
CA ASN B 111 -17.55 12.78 -40.74
C ASN B 111 -16.31 13.00 -39.95
N TRP B 112 -15.24 12.32 -40.35
CA TRP B 112 -13.94 12.60 -39.83
C TRP B 112 -13.22 13.49 -40.84
N TYR B 113 -13.44 14.81 -40.72
CA TYR B 113 -12.78 15.80 -41.57
C TYR B 113 -11.33 16.10 -41.18
N PHE B 114 -10.88 15.60 -40.04
CA PHE B 114 -9.66 16.16 -39.40
C PHE B 114 -8.33 15.46 -39.70
N GLY B 115 -8.28 14.52 -40.63
CA GLY B 115 -7.03 13.92 -41.07
C GLY B 115 -6.49 12.82 -40.16
N ASN B 116 -5.44 12.17 -40.63
CA ASN B 116 -4.85 11.01 -39.95
C ASN B 116 -4.23 11.34 -38.60
N PHE B 117 -3.57 12.51 -38.52
CA PHE B 117 -2.72 12.78 -37.37
C PHE B 117 -3.56 13.08 -36.14
N LEU B 118 -4.67 13.80 -36.32
CA LEU B 118 -5.57 14.09 -35.20
C LEU B 118 -6.28 12.82 -34.79
N CYS B 119 -6.56 11.97 -35.79
CA CYS B 119 -7.07 10.62 -35.57
C CYS B 119 -6.28 9.87 -34.51
N LYS B 120 -4.95 9.84 -34.64
CA LYS B 120 -4.10 9.19 -33.64
C LYS B 120 -4.10 10.03 -32.35
N ALA B 121 -3.99 11.34 -32.51
CA ALA B 121 -3.96 12.27 -31.40
C ALA B 121 -5.16 12.14 -30.47
N VAL B 122 -6.37 12.00 -31.00
CA VAL B 122 -7.55 11.97 -30.12
C VAL B 122 -7.63 10.63 -29.43
N HIS B 123 -7.21 9.58 -30.15
CA HIS B 123 -7.08 8.24 -29.61
C HIS B 123 -6.09 8.18 -28.47
N VAL B 124 -4.92 8.78 -28.68
CA VAL B 124 -3.90 8.80 -27.65
C VAL B 124 -4.51 9.49 -26.47
N ILE B 125 -5.07 10.66 -26.69
CA ILE B 125 -5.63 11.47 -25.61
C ILE B 125 -6.74 10.71 -24.83
N TYR B 126 -7.47 9.85 -25.52
CA TYR B 126 -8.45 8.98 -24.88
C TYR B 126 -7.78 7.99 -23.89
N THR B 127 -6.87 7.17 -24.39
CA THR B 127 -6.12 6.24 -23.58
C THR B 127 -5.47 6.90 -22.36
N VAL B 128 -4.72 7.97 -22.61
CA VAL B 128 -4.12 8.75 -21.51
C VAL B 128 -5.14 9.05 -20.41
N ASN B 129 -6.35 9.45 -20.80
CA ASN B 129 -7.40 9.80 -19.84
C ASN B 129 -7.90 8.58 -19.06
N LEU B 130 -8.26 7.51 -19.73
CA LEU B 130 -8.80 6.32 -19.04
C LEU B 130 -7.82 5.77 -17.98
N TYR B 131 -6.54 5.74 -18.35
CA TYR B 131 -5.53 5.17 -17.49
C TYR B 131 -5.11 6.13 -16.37
N SER B 132 -4.90 7.41 -16.68
CA SER B 132 -4.43 8.35 -15.65
C SER B 132 -5.53 8.64 -14.64
N SER B 133 -6.74 8.85 -15.11
CA SER B 133 -7.82 9.17 -14.19
C SER B 133 -7.94 8.11 -13.12
N VAL B 134 -8.22 6.87 -13.50
CA VAL B 134 -8.40 5.80 -12.51
C VAL B 134 -7.15 5.56 -11.64
N TRP B 135 -5.97 5.60 -12.22
CA TRP B 135 -4.78 5.40 -11.36
C TRP B 135 -4.54 6.57 -10.39
N ILE B 136 -4.86 7.79 -10.80
CA ILE B 136 -4.78 8.90 -9.86
C ILE B 136 -5.70 8.57 -8.70
N LEU B 137 -6.90 8.04 -9.00
CA LEU B 137 -7.82 7.56 -7.94
C LEU B 137 -7.20 6.48 -7.08
N ALA B 138 -6.47 5.56 -7.72
CA ALA B 138 -5.73 4.54 -6.99
C ALA B 138 -4.73 5.19 -6.06
N PHE B 139 -4.05 6.23 -6.54
CA PHE B 139 -3.10 6.97 -5.71
C PHE B 139 -3.79 7.77 -4.57
N ILE B 140 -4.97 8.33 -4.82
CA ILE B 140 -5.74 8.92 -3.72
C ILE B 140 -6.03 7.89 -2.63
N SER B 141 -6.27 6.64 -3.00
CA SER B 141 -6.57 5.63 -1.99
C SER B 141 -5.29 5.16 -1.21
N LEU B 142 -4.15 5.09 -1.90
CA LEU B 142 -2.86 4.83 -1.25
C LEU B 142 -2.55 5.85 -0.18
N ASP B 143 -2.88 7.09 -0.52
CA ASP B 143 -2.61 8.22 0.32
C ASP B 143 -3.45 8.18 1.58
N ARG B 144 -4.68 7.69 1.44
CA ARG B 144 -5.61 7.56 2.55
C ARG B 144 -5.17 6.45 3.47
N TYR B 145 -4.73 5.36 2.85
CA TYR B 145 -4.12 4.26 3.55
C TYR B 145 -2.93 4.75 4.41
N LEU B 146 -2.03 5.55 3.82
CA LEU B 146 -0.87 6.06 4.55
C LEU B 146 -1.29 6.99 5.67
N ALA B 147 -2.12 7.98 5.33
CA ALA B 147 -2.73 8.86 6.31
C ALA B 147 -3.32 8.14 7.53
N ILE B 148 -4.12 7.13 7.29
CA ILE B 148 -4.85 6.48 8.37
C ILE B 148 -4.05 5.36 9.05
N VAL B 149 -3.45 4.46 8.26
CA VAL B 149 -2.81 3.25 8.76
C VAL B 149 -1.44 3.53 9.37
N HIS B 150 -0.68 4.42 8.77
CA HIS B 150 0.63 4.78 9.28
C HIS B 150 0.77 6.26 9.47
N ALA B 151 -0.08 6.86 10.28
CA ALA B 151 -0.13 8.28 10.56
C ALA B 151 1.05 8.88 11.34
N THR B 152 1.86 8.03 11.93
CA THR B 152 3.02 8.41 12.70
C THR B 152 4.13 9.14 11.94
N ASN B 153 4.45 8.64 10.75
CA ASN B 153 5.45 9.26 9.90
C ASN B 153 4.95 9.22 8.47
N SER B 154 3.73 9.71 8.28
CA SER B 154 3.05 9.57 7.01
C SER B 154 3.48 10.68 6.06
N GLN B 155 4.06 11.74 6.60
CA GLN B 155 4.30 12.93 5.83
C GLN B 155 5.45 12.69 4.91
N ARG B 156 6.49 12.06 5.35
CA ARG B 156 7.56 11.99 4.44
C ARG B 156 7.15 11.25 3.20
N PRO B 157 6.45 10.15 3.33
CA PRO B 157 6.03 9.34 2.19
C PRO B 157 4.86 9.84 1.35
N ARG B 158 3.86 10.41 1.99
CA ARG B 158 2.69 10.89 1.31
C ARG B 158 3.12 12.02 0.42
N LYS B 159 4.01 12.84 0.91
CA LYS B 159 4.56 13.89 0.13
C LYS B 159 5.36 13.35 -1.04
N LEU B 160 6.12 12.30 -0.80
CA LEU B 160 6.87 11.71 -1.85
C LEU B 160 6.03 11.11 -2.94
N LEU B 161 4.99 10.40 -2.56
CA LEU B 161 4.00 9.86 -3.50
C LEU B 161 3.41 10.92 -4.43
N ALA B 162 3.03 12.05 -3.84
CA ALA B 162 2.20 13.01 -4.54
C ALA B 162 3.00 13.99 -5.40
N GLU B 163 4.32 13.96 -5.29
CA GLU B 163 5.17 14.93 -5.99
C GLU B 163 6.22 14.26 -6.89
N LYS B 164 6.52 12.99 -6.64
CA LYS B 164 7.54 12.28 -7.38
C LYS B 164 7.05 11.01 -8.03
N VAL B 165 6.24 10.25 -7.32
CA VAL B 165 5.86 8.93 -7.78
C VAL B 165 4.67 9.00 -8.72
N VAL B 166 3.82 10.02 -8.58
CA VAL B 166 2.66 10.17 -9.48
C VAL B 166 3.05 10.28 -10.96
N TYR B 167 4.19 10.92 -11.24
CA TYR B 167 4.65 11.09 -12.63
C TYR B 167 5.21 9.77 -13.16
N VAL B 168 5.95 9.06 -12.33
CA VAL B 168 6.58 7.80 -12.72
C VAL B 168 5.62 6.61 -12.61
N GLY B 169 4.63 6.68 -11.73
CA GLY B 169 3.66 5.61 -11.59
C GLY B 169 2.39 5.76 -12.44
N VAL B 170 2.05 7.00 -12.75
CA VAL B 170 0.80 7.29 -13.45
C VAL B 170 1.09 7.87 -14.82
N TRP B 171 1.62 9.09 -14.87
CA TRP B 171 1.65 9.81 -16.16
C TRP B 171 2.52 9.15 -17.22
N ILE B 172 3.75 8.78 -16.89
CA ILE B 172 4.66 8.25 -17.91
C ILE B 172 4.20 6.91 -18.49
N PRO B 173 3.83 5.93 -17.63
CA PRO B 173 3.26 4.68 -18.14
C PRO B 173 2.01 4.90 -18.98
N ALA B 174 1.11 5.76 -18.49
CA ALA B 174 -0.11 6.13 -19.24
C ALA B 174 0.22 6.55 -20.66
N LEU B 175 1.27 7.35 -20.84
CA LEU B 175 1.72 7.75 -22.19
C LEU B 175 2.38 6.63 -22.96
N LEU B 176 3.23 5.83 -22.30
CA LEU B 176 3.90 4.71 -22.98
C LEU B 176 2.89 3.73 -23.56
N LEU B 177 1.83 3.48 -22.78
CA LEU B 177 0.78 2.54 -23.15
C LEU B 177 -0.04 3.03 -24.33
N THR B 178 0.07 4.30 -24.72
CA THR B 178 -0.67 4.78 -25.92
C THR B 178 0.02 4.51 -27.26
N ILE B 179 1.26 4.07 -27.23
CA ILE B 179 1.96 3.78 -28.49
C ILE B 179 1.10 2.92 -29.44
N PRO B 180 0.40 1.89 -28.91
CA PRO B 180 -0.55 1.09 -29.69
C PRO B 180 -1.67 1.87 -30.36
N ASP B 181 -2.26 2.82 -29.65
CA ASP B 181 -3.27 3.67 -30.28
C ASP B 181 -2.61 4.48 -31.36
N PHE B 182 -1.43 4.97 -31.05
CA PHE B 182 -0.64 5.72 -31.99
C PHE B 182 -0.33 4.93 -33.26
N ILE B 183 -0.07 3.62 -33.15
CA ILE B 183 0.32 2.83 -34.32
C ILE B 183 -0.87 2.41 -35.17
N PHE B 184 -1.93 1.90 -34.56
CA PHE B 184 -3.04 1.32 -35.31
C PHE B 184 -4.23 2.25 -35.57
N ALA B 185 -4.26 3.41 -34.92
CA ALA B 185 -5.30 4.40 -35.21
C ALA B 185 -4.99 5.01 -36.57
N ASN B 186 -5.95 4.91 -37.50
CA ASN B 186 -5.82 5.42 -38.86
C ASN B 186 -7.21 5.77 -39.42
N VAL B 187 -7.22 6.55 -40.50
CA VAL B 187 -8.45 6.91 -41.18
C VAL B 187 -8.63 6.06 -42.43
N SER B 188 -9.83 5.54 -42.62
CA SER B 188 -10.16 4.81 -43.82
C SER B 188 -11.37 5.45 -44.47
N GLU B 189 -11.59 5.15 -45.74
CA GLU B 189 -12.76 5.62 -46.47
C GLU B 189 -13.80 4.58 -46.29
N ALA B 190 -15.02 4.92 -45.98
CA ALA B 190 -15.94 3.82 -45.92
C ALA B 190 -17.38 4.20 -46.08
N ASP B 191 -18.07 3.60 -47.02
CA ASP B 191 -19.48 3.92 -47.14
C ASP B 191 -19.89 5.38 -47.00
N ASP B 192 -19.17 6.13 -47.79
CA ASP B 192 -19.42 7.50 -48.06
C ASP B 192 -19.01 8.41 -46.95
N ARG B 193 -18.04 8.01 -46.14
CA ARG B 193 -17.56 8.89 -45.10
C ARG B 193 -16.23 8.38 -44.70
N TYR B 194 -15.47 9.15 -43.94
CA TYR B 194 -14.21 8.65 -43.45
C TYR B 194 -14.31 8.22 -42.01
N ILE B 195 -13.99 6.99 -41.72
CA ILE B 195 -13.90 6.47 -40.35
C ILE B 195 -12.50 6.61 -39.77
N CYS B 196 -12.38 7.25 -38.61
CA CYS B 196 -11.17 7.17 -37.81
C CYS B 196 -11.42 6.09 -36.74
N ASP B 197 -10.53 5.07 -36.72
CA ASP B 197 -10.67 3.90 -35.83
C ASP B 197 -9.33 3.17 -35.67
N ARG B 198 -9.22 2.23 -34.72
CA ARG B 198 -8.06 1.30 -34.65
C ARG B 198 -8.22 0.15 -35.63
N PHE B 199 -7.26 -0.04 -36.55
CA PHE B 199 -7.33 -1.10 -37.59
C PHE B 199 -6.16 -2.07 -37.47
N TYR B 200 -6.47 -3.37 -37.36
CA TYR B 200 -5.46 -4.37 -37.03
C TYR B 200 -5.36 -5.44 -38.13
N PRO B 201 -4.25 -6.18 -38.15
CA PRO B 201 -4.06 -7.37 -39.01
C PRO B 201 -5.16 -8.43 -38.91
N ASN B 202 -5.72 -8.66 -37.72
CA ASN B 202 -6.80 -9.64 -37.56
C ASN B 202 -7.65 -9.47 -36.29
N ASP B 203 -8.68 -10.28 -36.16
CA ASP B 203 -9.61 -10.17 -35.03
C ASP B 203 -8.98 -10.49 -33.65
N LEU B 204 -7.90 -11.28 -33.61
CA LEU B 204 -7.19 -11.54 -32.33
C LEU B 204 -6.64 -10.26 -31.65
N TRP B 205 -6.14 -9.31 -32.44
CA TRP B 205 -5.68 -8.02 -31.93
C TRP B 205 -6.75 -7.26 -31.14
N VAL B 206 -8.00 -7.32 -31.60
CA VAL B 206 -9.15 -6.78 -30.87
C VAL B 206 -9.26 -7.42 -29.48
N VAL B 207 -9.00 -8.71 -29.37
CA VAL B 207 -9.10 -9.31 -28.05
C VAL B 207 -7.92 -8.95 -27.14
N VAL B 208 -6.72 -8.83 -27.73
CA VAL B 208 -5.53 -8.49 -26.97
C VAL B 208 -5.63 -7.11 -26.29
N PHE B 209 -6.05 -6.10 -27.04
CA PHE B 209 -6.21 -4.75 -26.49
C PHE B 209 -7.45 -4.54 -25.62
N GLN B 210 -8.52 -5.25 -25.89
CA GLN B 210 -9.63 -5.21 -24.98
C GLN B 210 -9.15 -5.77 -23.65
N PHE B 211 -8.46 -6.92 -23.65
CA PHE B 211 -8.03 -7.49 -22.37
C PHE B 211 -7.12 -6.52 -21.58
N GLN B 212 -6.18 -5.88 -22.27
CA GLN B 212 -5.29 -4.88 -21.66
C GLN B 212 -6.06 -3.65 -21.12
N HIS B 213 -7.01 -3.15 -21.88
CA HIS B 213 -7.82 -2.03 -21.42
C HIS B 213 -8.58 -2.41 -20.13
N ILE B 214 -9.21 -3.58 -20.11
CA ILE B 214 -9.91 -4.07 -18.92
C ILE B 214 -8.96 -4.26 -17.73
N MET B 215 -7.70 -4.56 -18.01
CA MET B 215 -6.73 -4.88 -16.98
C MET B 215 -6.17 -3.57 -16.38
N VAL B 216 -5.53 -2.75 -17.21
CA VAL B 216 -4.96 -1.47 -16.76
C VAL B 216 -6.02 -0.45 -16.32
N GLY B 217 -7.21 -0.54 -16.90
CA GLY B 217 -8.24 0.44 -16.70
C GLY B 217 -8.93 0.15 -15.39
N LEU B 218 -9.46 -1.06 -15.22
CA LEU B 218 -10.31 -1.38 -14.07
C LEU B 218 -9.95 -2.44 -13.04
N ILE B 219 -9.25 -3.48 -13.48
CA ILE B 219 -9.01 -4.64 -12.61
C ILE B 219 -7.82 -4.38 -11.71
N LEU B 220 -6.71 -3.92 -12.27
CA LEU B 220 -5.52 -3.62 -11.47
C LEU B 220 -5.69 -2.41 -10.55
N PRO B 221 -6.21 -1.29 -11.05
CA PRO B 221 -6.46 -0.18 -10.11
C PRO B 221 -7.54 -0.50 -9.09
N GLY B 222 -8.55 -1.28 -9.51
CA GLY B 222 -9.59 -1.78 -8.62
C GLY B 222 -9.04 -2.66 -7.50
N ILE B 223 -8.09 -3.52 -7.85
CA ILE B 223 -7.42 -4.32 -6.83
C ILE B 223 -6.73 -3.43 -5.78
N VAL B 224 -6.12 -2.34 -6.22
CA VAL B 224 -5.32 -1.52 -5.34
C VAL B 224 -6.24 -0.68 -4.49
N ILE B 225 -7.27 -0.11 -5.10
CA ILE B 225 -8.22 0.69 -4.35
C ILE B 225 -8.83 -0.19 -3.26
N LEU B 226 -9.41 -1.32 -3.65
CA LEU B 226 -10.05 -2.20 -2.67
C LEU B 226 -9.08 -2.73 -1.62
N SER B 227 -7.87 -3.11 -2.02
CA SER B 227 -6.88 -3.57 -1.04
C SER B 227 -6.60 -2.50 0.03
N CYS B 228 -6.35 -1.27 -0.39
CA CYS B 228 -6.12 -0.14 0.55
C CYS B 228 -7.29 0.03 1.51
N TYR B 229 -8.51 -0.02 0.99
CA TYR B 229 -9.69 0.12 1.83
C TYR B 229 -9.94 -1.13 2.68
N CYS B 230 -9.52 -2.30 2.19
CA CYS B 230 -9.47 -3.49 3.03
C CYS B 230 -8.50 -3.35 4.21
N ILE B 231 -7.34 -2.73 3.99
CA ILE B 231 -6.38 -2.49 5.09
C ILE B 231 -6.88 -1.37 6.02
N ILE B 232 -7.56 -0.35 5.48
CA ILE B 232 -8.07 0.71 6.33
C ILE B 232 -9.06 0.14 7.33
N ILE B 233 -10.15 -0.45 6.83
CA ILE B 233 -11.22 -0.96 7.68
C ILE B 233 -10.70 -1.94 8.76
N SER B 234 -9.66 -2.70 8.45
CA SER B 234 -9.07 -3.64 9.42
C SER B 234 -8.27 -2.94 10.54
N LYS B 235 -7.61 -1.83 10.22
CA LYS B 235 -6.91 -0.99 11.19
C LYS B 235 -7.92 -0.38 12.17
N LEU B 236 -9.08 -0.01 11.63
CA LEU B 236 -10.18 0.56 12.42
C LEU B 236 -10.96 -0.47 13.22
N SER B 237 -10.57 -1.74 13.21
CA SER B 237 -11.30 -2.79 13.90
C SER B 237 -10.66 -3.20 15.22
N HIS B 238 -9.42 -2.77 15.46
CA HIS B 238 -8.78 -3.06 16.76
C HIS B 238 -9.35 -2.13 17.84
N SER B 239 -9.65 -0.88 17.46
CA SER B 239 -10.30 0.06 18.35
C SER B 239 -11.68 -0.44 18.75
N GLY B 240 -12.11 -0.04 19.95
CA GLY B 240 -13.42 -0.35 20.49
C GLY B 240 -14.43 0.76 20.24
N SER B 241 -15.43 0.87 21.09
CA SER B 241 -16.50 1.83 20.90
C SER B 241 -15.96 3.26 20.92
N ASN B 242 -16.74 4.16 20.32
CA ASN B 242 -16.38 5.57 20.31
C ASN B 242 -16.21 6.11 21.74
N ILE B 243 -17.18 5.87 22.62
CA ILE B 243 -17.03 6.27 24.02
C ILE B 243 -15.79 5.65 24.73
N PHE B 244 -15.38 4.44 24.35
CA PHE B 244 -14.19 3.82 24.97
C PHE B 244 -12.89 4.51 24.55
N GLU B 245 -12.72 4.79 23.26
CA GLU B 245 -11.50 5.47 22.78
C GLU B 245 -11.44 6.92 23.28
N MET B 246 -12.61 7.55 23.43
CA MET B 246 -12.71 8.90 24.01
C MET B 246 -12.12 8.97 25.43
N LEU B 247 -12.58 8.08 26.31
CA LEU B 247 -12.20 8.10 27.72
C LEU B 247 -10.83 7.49 27.96
N ARG B 248 -10.40 6.63 27.04
CA ARG B 248 -9.04 6.10 27.09
C ARG B 248 -8.08 7.28 26.92
N ILE B 249 -8.39 8.16 25.98
CA ILE B 249 -7.59 9.35 25.74
C ILE B 249 -7.68 10.32 26.93
N ASP B 250 -8.88 10.55 27.45
CA ASP B 250 -9.07 11.60 28.44
C ASP B 250 -8.68 11.16 29.84
N GLU B 251 -9.04 9.93 30.21
CA GLU B 251 -8.76 9.41 31.54
C GLU B 251 -7.50 8.55 31.63
N GLY B 252 -7.09 7.94 30.52
CA GLY B 252 -5.92 7.05 30.50
C GLY B 252 -6.30 5.58 30.62
N LEU B 253 -5.44 4.70 30.08
CA LEU B 253 -5.72 3.26 30.11
C LEU B 253 -4.56 2.46 30.72
N ARG B 254 -4.82 1.90 31.90
CA ARG B 254 -3.87 1.07 32.63
C ARG B 254 -4.25 -0.41 32.50
N LEU B 255 -3.31 -1.22 32.00
CA LEU B 255 -3.51 -2.69 31.89
C LEU B 255 -3.09 -3.45 33.18
N LYS B 256 -2.42 -2.78 34.12
CA LYS B 256 -2.01 -3.39 35.41
C LYS B 256 -2.43 -2.53 36.62
N ILE B 257 -2.94 -3.18 37.67
CA ILE B 257 -3.34 -2.51 38.92
C ILE B 257 -2.31 -1.49 39.45
N TYR B 258 -2.81 -0.40 40.01
CA TYR B 258 -1.97 0.69 40.49
C TYR B 258 -2.46 1.28 41.81
N LYS B 259 -1.64 1.18 42.85
CA LYS B 259 -1.84 1.92 44.09
C LYS B 259 -1.37 3.34 43.88
N ASP B 260 -2.26 4.30 44.12
CA ASP B 260 -1.89 5.71 44.06
C ASP B 260 -1.41 6.20 45.42
N THR B 261 -1.22 7.50 45.57
CA THR B 261 -0.57 8.08 46.73
C THR B 261 -1.45 8.17 47.98
N GLU B 262 -2.77 8.07 47.82
CA GLU B 262 -3.67 8.15 48.97
C GLU B 262 -4.32 6.80 49.34
N GLY B 263 -3.88 5.72 48.67
CA GLY B 263 -4.20 4.35 49.11
C GLY B 263 -5.30 3.60 48.37
N TYR B 264 -5.88 4.23 47.34
CA TYR B 264 -6.93 3.61 46.53
C TYR B 264 -6.35 2.84 45.34
N TYR B 265 -7.09 1.82 44.89
CA TYR B 265 -6.66 0.94 43.80
C TYR B 265 -7.50 1.09 42.50
N THR B 266 -6.82 1.26 41.38
CA THR B 266 -7.47 1.59 40.11
C THR B 266 -6.98 0.66 38.99
N ILE B 267 -7.84 0.42 38.00
CA ILE B 267 -7.46 -0.36 36.82
C ILE B 267 -8.38 -0.06 35.62
N GLY B 268 -7.97 -0.52 34.44
CA GLY B 268 -8.70 -0.29 33.21
C GLY B 268 -8.77 1.20 32.97
N ILE B 269 -9.96 1.66 32.61
CA ILE B 269 -10.27 3.08 32.46
C ILE B 269 -10.94 3.55 33.74
N GLY B 270 -10.13 4.08 34.65
CA GLY B 270 -10.60 4.74 35.88
C GLY B 270 -11.52 3.91 36.77
N HIS B 271 -11.24 2.64 36.86
CA HIS B 271 -12.04 1.78 37.65
C HIS B 271 -11.47 1.54 39.01
N LEU B 272 -12.26 1.84 40.01
CA LEU B 272 -11.81 1.80 41.36
C LEU B 272 -12.25 0.51 41.93
N LEU B 273 -11.31 -0.21 42.50
CA LEU B 273 -11.57 -1.44 43.17
C LEU B 273 -11.98 -0.92 44.50
N THR B 274 -12.07 -1.79 45.49
CA THR B 274 -12.78 -1.50 46.73
C THR B 274 -11.92 -1.00 47.88
N LYS B 275 -12.53 -0.95 49.07
CA LYS B 275 -11.86 -0.45 50.25
C LYS B 275 -10.57 -1.04 50.81
N SER B 276 -10.19 -2.24 50.36
CA SER B 276 -8.99 -2.83 50.92
C SER B 276 -7.72 -2.02 50.70
N PRO B 277 -6.79 -2.12 51.64
CA PRO B 277 -5.44 -1.56 51.58
C PRO B 277 -4.40 -2.62 51.25
N SER B 278 -4.84 -3.72 50.67
CA SER B 278 -3.94 -4.82 50.31
C SER B 278 -3.98 -5.09 48.81
N LEU B 279 -2.81 -5.04 48.17
CA LEU B 279 -2.64 -5.47 46.78
C LEU B 279 -3.36 -6.79 46.53
N ASN B 280 -3.21 -7.74 47.46
CA ASN B 280 -3.82 -9.06 47.35
C ASN B 280 -5.35 -9.02 47.32
N ALA B 281 -5.92 -8.25 48.24
CA ALA B 281 -7.38 -8.14 48.37
C ALA B 281 -7.99 -7.30 47.24
N ALA B 282 -7.18 -6.41 46.66
CA ALA B 282 -7.57 -5.67 45.45
C ALA B 282 -7.55 -6.62 44.25
N LYS B 283 -6.48 -7.41 44.15
CA LYS B 283 -6.37 -8.47 43.15
C LYS B 283 -7.52 -9.47 43.28
N SER B 284 -7.99 -9.68 44.51
CA SER B 284 -9.17 -10.51 44.76
C SER B 284 -10.41 -9.88 44.12
N GLU B 285 -10.55 -8.56 44.24
CA GLU B 285 -11.69 -7.84 43.68
C GLU B 285 -11.72 -7.85 42.14
N LEU B 286 -10.57 -7.62 41.52
CA LEU B 286 -10.48 -7.65 40.05
C LEU B 286 -10.94 -9.02 39.57
N ASP B 287 -10.23 -10.07 40.02
CA ASP B 287 -10.58 -11.48 39.74
C ASP B 287 -12.08 -11.75 39.72
N LYS B 288 -12.80 -11.22 40.72
CA LYS B 288 -14.25 -11.35 40.79
C LYS B 288 -14.96 -10.65 39.62
N ALA B 289 -14.56 -9.42 39.31
CA ALA B 289 -15.24 -8.64 38.25
C ALA B 289 -14.84 -9.09 36.84
N ILE B 290 -13.68 -9.72 36.72
CA ILE B 290 -13.22 -10.28 35.45
C ILE B 290 -13.66 -11.74 35.26
N GLY B 291 -13.73 -12.50 36.37
CA GLY B 291 -14.10 -13.92 36.35
C GLY B 291 -12.92 -14.84 36.09
N ARG B 292 -11.73 -14.42 36.52
CA ARG B 292 -10.48 -15.09 36.18
C ARG B 292 -9.35 -14.65 37.12
N ASN B 293 -8.42 -15.55 37.41
CA ASN B 293 -7.25 -15.25 38.26
C ASN B 293 -6.24 -14.36 37.50
N THR B 294 -6.39 -13.05 37.66
CA THR B 294 -5.60 -12.06 36.89
C THR B 294 -4.14 -11.93 37.36
N ASN B 295 -3.95 -11.94 38.68
CA ASN B 295 -2.70 -11.52 39.30
C ASN B 295 -2.30 -10.07 38.96
N GLY B 296 -3.31 -9.21 38.79
CA GLY B 296 -3.09 -7.77 38.59
C GLY B 296 -3.00 -7.25 37.17
N VAL B 297 -2.89 -8.15 36.18
CA VAL B 297 -2.82 -7.76 34.76
C VAL B 297 -4.09 -8.19 34.02
N ILE B 298 -4.57 -7.33 33.12
CA ILE B 298 -5.76 -7.62 32.29
C ILE B 298 -5.51 -7.17 30.85
N THR B 299 -6.43 -7.53 29.96
CA THR B 299 -6.33 -7.18 28.55
C THR B 299 -7.19 -5.95 28.24
N LYS B 300 -6.93 -5.35 27.08
CA LYS B 300 -7.68 -4.22 26.59
C LYS B 300 -9.16 -4.58 26.50
N ASP B 301 -9.45 -5.70 25.83
CA ASP B 301 -10.82 -6.20 25.65
C ASP B 301 -11.59 -6.32 26.97
N GLU B 302 -10.91 -6.81 27.99
CA GLU B 302 -11.50 -6.97 29.31
C GLU B 302 -11.67 -5.64 30.04
N ALA B 303 -10.81 -4.69 29.69
CA ALA B 303 -10.87 -3.33 30.20
C ALA B 303 -12.08 -2.60 29.59
N GLU B 304 -12.38 -2.92 28.33
CA GLU B 304 -13.55 -2.34 27.63
C GLU B 304 -14.86 -2.88 28.20
N LYS B 305 -14.85 -4.15 28.61
CA LYS B 305 -16.01 -4.78 29.22
C LYS B 305 -16.23 -4.21 30.61
N LEU B 306 -15.16 -4.07 31.36
CA LEU B 306 -15.22 -3.49 32.69
C LEU B 306 -15.66 -2.01 32.64
N PHE B 307 -15.18 -1.31 31.60
CA PHE B 307 -15.58 0.05 31.31
C PHE B 307 -17.06 0.16 30.92
N ASN B 308 -17.55 -0.82 30.15
CA ASN B 308 -18.95 -0.82 29.71
C ASN B 308 -19.87 -0.91 30.92
N GLN B 309 -19.47 -1.67 31.93
CA GLN B 309 -20.26 -1.84 33.14
C GLN B 309 -20.32 -0.52 33.90
N ASP B 310 -19.19 0.18 33.96
CA ASP B 310 -19.11 1.49 34.60
C ASP B 310 -19.98 2.53 33.88
N VAL B 311 -19.81 2.60 32.56
CA VAL B 311 -20.62 3.47 31.70
C VAL B 311 -22.08 3.22 31.98
N ASP B 312 -22.43 1.96 32.15
CA ASP B 312 -23.81 1.58 32.46
C ASP B 312 -24.22 2.14 33.84
N ALA B 313 -23.44 1.84 34.88
CA ALA B 313 -23.75 2.28 36.25
C ALA B 313 -23.81 3.81 36.32
N ALA B 314 -22.89 4.45 35.60
CA ALA B 314 -22.88 5.91 35.43
C ALA B 314 -24.17 6.43 34.80
N VAL B 315 -24.63 5.79 33.74
CA VAL B 315 -25.79 6.29 33.01
C VAL B 315 -27.07 6.12 33.83
N ARG B 316 -27.13 5.03 34.62
CA ARG B 316 -28.23 4.76 35.57
C ARG B 316 -28.46 5.89 36.58
N GLY B 317 -27.39 6.38 37.20
CA GLY B 317 -27.47 7.44 38.22
C GLY B 317 -27.88 8.78 37.64
N ILE B 318 -27.53 9.00 36.38
CA ILE B 318 -27.94 10.19 35.63
C ILE B 318 -29.46 10.20 35.47
N LEU B 319 -30.00 9.04 35.10
CA LEU B 319 -31.45 8.86 34.95
C LEU B 319 -32.19 8.81 36.30
N ARG B 320 -31.43 8.80 37.40
CA ARG B 320 -31.98 8.98 38.75
C ARG B 320 -31.84 10.43 39.26
N ASN B 321 -30.92 11.19 38.66
CA ASN B 321 -30.72 12.60 39.00
C ASN B 321 -31.66 13.46 38.16
N ALA B 322 -32.43 14.32 38.83
CA ALA B 322 -33.48 15.10 38.16
C ALA B 322 -32.92 16.26 37.37
N LYS B 323 -31.79 16.79 37.80
CA LYS B 323 -31.10 17.86 37.07
C LYS B 323 -30.45 17.35 35.77
N LEU B 324 -29.83 16.17 35.83
CA LEU B 324 -29.06 15.63 34.70
C LEU B 324 -29.87 14.84 33.66
N LYS B 325 -30.89 14.08 34.12
CA LYS B 325 -31.67 13.20 33.24
C LYS B 325 -32.34 13.89 32.03
N PRO B 326 -33.01 15.04 32.25
CA PRO B 326 -33.62 15.79 31.16
C PRO B 326 -32.67 16.21 30.04
N VAL B 327 -31.43 16.58 30.40
CA VAL B 327 -30.42 16.94 29.41
C VAL B 327 -29.98 15.70 28.63
N TYR B 328 -29.69 14.62 29.36
CA TYR B 328 -29.26 13.36 28.75
C TYR B 328 -30.31 12.86 27.76
N ASP B 329 -31.59 13.11 28.05
CA ASP B 329 -32.67 12.67 27.19
C ASP B 329 -32.70 13.44 25.88
N SER B 330 -32.28 14.71 25.91
CA SER B 330 -32.26 15.55 24.71
C SER B 330 -30.97 15.46 23.86
N LEU B 331 -29.97 14.69 24.31
CA LEU B 331 -28.70 14.68 23.60
C LEU B 331 -28.58 13.47 22.67
N ASP B 332 -27.90 13.69 21.55
CA ASP B 332 -27.43 12.62 20.68
C ASP B 332 -26.35 11.85 21.40
N ALA B 333 -26.11 10.63 20.93
CA ALA B 333 -25.10 9.73 21.51
C ALA B 333 -23.73 10.39 21.72
N VAL B 334 -23.20 11.06 20.69
CA VAL B 334 -21.87 11.70 20.80
C VAL B 334 -21.82 12.65 21.98
N ARG B 335 -22.85 13.49 22.13
CA ARG B 335 -22.86 14.49 23.21
C ARG B 335 -23.15 13.85 24.59
N ARG B 336 -23.78 12.68 24.58
CA ARG B 336 -24.05 11.94 25.80
C ARG B 336 -22.75 11.34 26.29
N ALA B 337 -21.90 10.91 25.35
CA ALA B 337 -20.54 10.51 25.70
C ALA B 337 -19.82 11.66 26.40
N ALA B 338 -20.02 12.88 25.89
CA ALA B 338 -19.43 14.07 26.50
C ALA B 338 -19.79 14.20 27.98
N LEU B 339 -21.07 14.02 28.31
CA LEU B 339 -21.57 14.21 29.67
C LEU B 339 -21.13 13.08 30.59
N ILE B 340 -21.15 11.85 30.08
CA ILE B 340 -20.58 10.67 30.79
C ILE B 340 -19.10 10.89 31.15
N ASN B 341 -18.32 11.37 30.21
CA ASN B 341 -16.94 11.79 30.44
C ASN B 341 -16.85 12.68 31.70
N MET B 342 -17.69 13.72 31.75
CA MET B 342 -17.67 14.66 32.88
C MET B 342 -18.06 13.99 34.20
N VAL B 343 -19.02 13.07 34.14
CA VAL B 343 -19.36 12.26 35.31
C VAL B 343 -18.16 11.40 35.71
N PHE B 344 -17.49 10.81 34.72
CA PHE B 344 -16.29 9.97 34.98
C PHE B 344 -15.20 10.77 35.70
N GLN B 345 -15.11 12.06 35.39
CA GLN B 345 -14.09 12.93 35.98
C GLN B 345 -14.52 13.54 37.30
N MET B 346 -15.71 14.12 37.34
CA MET B 346 -16.13 15.01 38.44
C MET B 346 -17.15 14.44 39.40
N GLY B 347 -17.53 13.18 39.21
CA GLY B 347 -18.62 12.58 39.97
C GLY B 347 -19.93 13.15 39.51
N GLU B 348 -21.00 12.39 39.67
CA GLU B 348 -22.34 12.81 39.27
C GLU B 348 -22.75 14.16 39.91
N THR B 349 -22.40 14.38 41.17
CA THR B 349 -22.85 15.59 41.89
C THR B 349 -22.28 16.88 41.31
N GLY B 350 -20.94 16.93 41.21
CA GLY B 350 -20.25 18.03 40.57
C GLY B 350 -20.87 18.39 39.25
N VAL B 351 -21.04 17.40 38.36
CA VAL B 351 -21.58 17.66 37.01
C VAL B 351 -22.96 18.29 37.10
N ALA B 352 -23.74 17.79 38.06
CA ALA B 352 -25.10 18.28 38.36
C ALA B 352 -25.16 19.74 38.85
N GLY B 353 -24.02 20.31 39.25
CA GLY B 353 -23.94 21.73 39.61
C GLY B 353 -23.76 22.71 38.45
N PHE B 354 -23.49 22.21 37.25
CA PHE B 354 -23.31 23.09 36.08
C PHE B 354 -24.67 23.52 35.56
N THR B 355 -25.48 24.16 36.41
CA THR B 355 -26.89 24.44 36.10
C THR B 355 -27.13 25.24 34.82
N ASN B 356 -26.33 26.28 34.54
CA ASN B 356 -26.61 27.11 33.36
C ASN B 356 -26.01 26.58 32.05
N SER B 357 -24.84 25.95 32.11
CA SER B 357 -24.27 25.28 30.93
C SER B 357 -25.16 24.10 30.49
N LEU B 358 -25.57 23.27 31.44
CA LEU B 358 -26.46 22.14 31.15
C LEU B 358 -27.75 22.61 30.48
N ARG B 359 -28.25 23.76 30.92
CA ARG B 359 -29.52 24.29 30.43
C ARG B 359 -29.41 24.74 28.98
N MET B 360 -28.29 25.32 28.61
CA MET B 360 -28.04 25.70 27.23
C MET B 360 -27.89 24.43 26.35
N LEU B 361 -27.29 23.37 26.91
CA LEU B 361 -27.12 22.10 26.19
C LEU B 361 -28.45 21.44 25.90
N GLN B 362 -29.34 21.42 26.88
CA GLN B 362 -30.70 20.87 26.71
C GLN B 362 -31.50 21.65 25.67
N GLN B 363 -31.17 22.93 25.52
CA GLN B 363 -31.84 23.80 24.56
C GLN B 363 -31.15 23.75 23.20
N LYS B 364 -30.11 22.93 23.10
CA LYS B 364 -29.30 22.79 21.88
C LYS B 364 -28.55 24.08 21.49
N ARG B 365 -28.27 24.91 22.49
CA ARG B 365 -27.52 26.14 22.29
C ARG B 365 -26.03 25.80 22.44
N TRP B 366 -25.47 25.19 21.40
CA TRP B 366 -24.17 24.56 21.51
C TRP B 366 -23.05 25.59 21.75
N ASP B 367 -23.05 26.68 20.98
CA ASP B 367 -21.98 27.68 21.06
C ASP B 367 -21.97 28.43 22.39
N GLU B 368 -23.13 28.93 22.80
CA GLU B 368 -23.31 29.52 24.13
C GLU B 368 -22.76 28.58 25.20
N ALA B 369 -23.25 27.34 25.18
CA ALA B 369 -22.87 26.34 26.17
C ALA B 369 -21.37 26.06 26.14
N ALA B 370 -20.80 25.97 24.94
CA ALA B 370 -19.34 25.82 24.78
C ALA B 370 -18.61 26.99 25.41
N VAL B 371 -19.10 28.21 25.10
CA VAL B 371 -18.55 29.45 25.64
C VAL B 371 -18.61 29.48 27.18
N ASN B 372 -19.78 29.18 27.74
CA ASN B 372 -19.96 29.23 29.21
C ASN B 372 -19.07 28.24 29.96
N LEU B 373 -18.90 27.06 29.38
CA LEU B 373 -18.15 25.98 30.04
C LEU B 373 -16.66 26.30 30.13
N ALA B 374 -16.15 27.06 29.15
CA ALA B 374 -14.77 27.56 29.17
C ALA B 374 -14.46 28.61 30.25
N LYS B 375 -15.48 29.09 30.98
CA LYS B 375 -15.27 30.06 32.06
C LYS B 375 -15.22 29.43 33.48
N SER B 376 -15.54 28.14 33.58
CA SER B 376 -15.65 27.44 34.86
C SER B 376 -14.30 27.07 35.45
N ARG B 377 -14.31 26.69 36.73
CA ARG B 377 -13.12 26.19 37.43
C ARG B 377 -12.64 24.86 36.85
N TRP B 378 -13.55 24.12 36.24
CA TRP B 378 -13.20 22.89 35.55
C TRP B 378 -12.23 23.20 34.41
N TYR B 379 -12.61 24.17 33.58
CA TYR B 379 -11.81 24.52 32.43
C TYR B 379 -10.44 25.05 32.87
N ASN B 380 -10.46 26.01 33.80
CA ASN B 380 -9.25 26.67 34.27
C ASN B 380 -8.27 25.69 34.94
N GLN B 381 -8.81 24.60 35.51
CA GLN B 381 -7.95 23.60 36.16
C GLN B 381 -7.49 22.49 35.20
N THR B 382 -8.40 21.92 34.41
CA THR B 382 -8.03 20.85 33.46
C THR B 382 -8.42 21.23 32.01
N PRO B 383 -7.66 22.16 31.39
CA PRO B 383 -8.01 22.63 30.06
C PRO B 383 -7.82 21.60 28.94
N ASN B 384 -6.78 20.76 29.02
CA ASN B 384 -6.52 19.84 27.91
C ASN B 384 -7.75 19.00 27.68
N ARG B 385 -8.17 18.33 28.75
CA ARG B 385 -9.37 17.51 28.75
C ARG B 385 -10.58 18.39 28.38
N ALA B 386 -10.84 19.42 29.21
CA ALA B 386 -12.05 20.22 29.05
C ALA B 386 -12.17 20.79 27.64
N LYS B 387 -11.04 21.10 27.01
CA LYS B 387 -11.08 21.60 25.63
C LYS B 387 -11.67 20.59 24.67
N ARG B 388 -11.26 19.33 24.77
CA ARG B 388 -11.81 18.29 23.89
C ARG B 388 -13.32 18.06 24.15
N VAL B 389 -13.67 17.88 25.41
CA VAL B 389 -15.07 17.68 25.80
C VAL B 389 -15.98 18.82 25.31
N ILE B 390 -15.51 20.07 25.44
CA ILE B 390 -16.33 21.21 25.01
C ILE B 390 -16.50 21.21 23.50
N THR B 391 -15.45 20.80 22.77
CA THR B 391 -15.51 20.72 21.30
C THR B 391 -16.52 19.64 20.86
N THR B 392 -16.62 18.56 21.65
CA THR B 392 -17.62 17.52 21.43
C THR B 392 -19.03 18.09 21.60
N PHE B 393 -19.30 18.75 22.71
CA PHE B 393 -20.58 19.43 22.93
C PHE B 393 -20.87 20.43 21.83
N ARG B 394 -19.86 21.20 21.45
CA ARG B 394 -20.06 22.27 20.46
C ARG B 394 -20.52 21.70 19.13
N THR B 395 -19.75 20.76 18.58
CA THR B 395 -20.01 20.23 17.23
C THR B 395 -20.94 19.02 17.19
N GLY B 396 -20.83 18.14 18.18
CA GLY B 396 -21.50 16.83 18.11
C GLY B 396 -20.77 15.87 17.19
N THR B 397 -19.45 16.05 17.09
CA THR B 397 -18.54 15.18 16.32
C THR B 397 -17.43 14.66 17.25
N TRP B 398 -16.52 13.84 16.73
CA TRP B 398 -15.37 13.38 17.50
C TRP B 398 -14.05 14.08 17.11
N ASP B 399 -14.17 15.20 16.39
CA ASP B 399 -13.02 15.89 15.79
C ASP B 399 -11.91 16.27 16.77
N ALA B 400 -12.27 16.56 18.01
CA ALA B 400 -11.30 17.07 18.99
C ALA B 400 -10.26 16.02 19.37
N TYR B 401 -10.60 14.76 19.20
CA TYR B 401 -9.74 13.66 19.53
C TYR B 401 -9.08 13.36 18.24
N GLY B 402 -7.90 12.79 18.19
CA GLY B 402 -7.35 12.56 16.87
C GLY B 402 -6.43 13.69 16.50
N SER B 403 -5.85 13.72 15.31
CA SER B 403 -4.94 14.84 15.23
C SER B 403 -5.55 16.15 14.72
N LYS B 404 -6.12 16.04 13.52
CA LYS B 404 -6.49 17.07 12.61
C LYS B 404 -7.85 16.45 12.23
N GLY B 405 -8.59 15.94 13.23
CA GLY B 405 -9.77 15.08 13.03
C GLY B 405 -10.85 15.63 12.12
N HIS B 406 -11.14 16.92 12.26
CA HIS B 406 -12.09 17.58 11.39
C HIS B 406 -11.68 17.44 9.91
N GLN B 407 -10.42 17.76 9.63
CA GLN B 407 -9.87 17.68 8.27
C GLN B 407 -9.83 16.21 7.79
N LYS B 408 -9.39 15.28 8.65
CA LYS B 408 -9.32 13.85 8.29
C LYS B 408 -10.69 13.22 8.01
N ARG B 409 -11.71 13.70 8.72
CA ARG B 409 -13.08 13.19 8.57
C ARG B 409 -13.63 13.54 7.18
N LYS B 410 -13.54 14.81 6.82
CA LYS B 410 -13.98 15.28 5.51
C LYS B 410 -13.14 14.70 4.36
N ALA B 411 -11.86 14.43 4.62
CA ALA B 411 -10.98 13.86 3.62
C ALA B 411 -11.39 12.41 3.27
N LEU B 412 -11.72 11.62 4.28
CA LEU B 412 -12.13 10.25 4.05
C LEU B 412 -13.43 10.23 3.24
N LYS B 413 -14.35 11.13 3.57
CA LYS B 413 -15.68 11.16 2.93
C LYS B 413 -15.60 11.63 1.47
N THR B 414 -14.75 12.60 1.20
CA THR B 414 -14.54 13.12 -0.16
C THR B 414 -14.00 12.02 -1.08
N THR B 415 -12.95 11.35 -0.61
CA THR B 415 -12.30 10.29 -1.35
C THR B 415 -13.27 9.17 -1.75
N VAL B 416 -13.98 8.60 -0.78
CA VAL B 416 -14.96 7.54 -1.06
C VAL B 416 -16.09 7.98 -2.02
N ILE B 417 -16.60 9.20 -1.84
CA ILE B 417 -17.63 9.74 -2.74
C ILE B 417 -17.12 9.80 -4.20
N LEU B 418 -15.91 10.31 -4.35
CA LEU B 418 -15.28 10.48 -5.65
C LEU B 418 -15.18 9.14 -6.39
N ILE B 419 -14.49 8.20 -5.76
CA ILE B 419 -14.24 6.87 -6.29
C ILE B 419 -15.52 6.06 -6.52
N LEU B 420 -16.40 5.94 -5.54
CA LEU B 420 -17.67 5.27 -5.82
C LEU B 420 -18.42 5.85 -7.05
N ALA B 421 -18.52 7.18 -7.11
CA ALA B 421 -19.18 7.85 -8.21
C ALA B 421 -18.43 7.62 -9.52
N PHE B 422 -17.11 7.51 -9.43
CA PHE B 422 -16.30 7.23 -10.61
C PHE B 422 -16.75 5.89 -11.17
N PHE B 423 -16.71 4.86 -10.33
CA PHE B 423 -17.12 3.55 -10.78
C PHE B 423 -18.58 3.47 -11.16
N ALA B 424 -19.43 4.21 -10.45
CA ALA B 424 -20.86 4.33 -10.79
C ALA B 424 -21.14 4.89 -12.23
N CYS B 425 -20.42 5.95 -12.61
CA CYS B 425 -20.45 6.44 -14.00
C CYS B 425 -20.06 5.35 -14.99
N TRP B 426 -19.00 4.62 -14.67
CA TRP B 426 -18.49 3.64 -15.63
C TRP B 426 -19.28 2.36 -15.65
N LEU B 427 -20.02 2.05 -14.60
CA LEU B 427 -20.61 0.71 -14.47
C LEU B 427 -21.48 0.24 -15.65
N PRO B 428 -22.42 1.07 -16.15
CA PRO B 428 -23.21 0.65 -17.32
C PRO B 428 -22.38 0.40 -18.59
N TYR B 429 -21.20 1.00 -18.71
CA TYR B 429 -20.37 0.73 -19.87
C TYR B 429 -19.78 -0.67 -19.70
N TYR B 430 -19.32 -0.94 -18.49
CA TYR B 430 -18.75 -2.24 -18.14
C TYR B 430 -19.72 -3.37 -18.45
N ILE B 431 -21.01 -3.19 -18.15
CA ILE B 431 -22.03 -4.19 -18.39
C ILE B 431 -22.21 -4.42 -19.91
N GLY B 432 -22.15 -3.33 -20.66
CA GLY B 432 -22.27 -3.36 -22.11
C GLY B 432 -21.16 -4.18 -22.75
N ILE B 433 -19.93 -3.85 -22.34
CA ILE B 433 -18.70 -4.49 -22.83
C ILE B 433 -18.67 -5.98 -22.47
N SER B 434 -19.15 -6.28 -21.27
CA SER B 434 -19.31 -7.64 -20.79
C SER B 434 -20.22 -8.46 -21.68
N ILE B 435 -21.30 -7.84 -22.15
CA ILE B 435 -22.29 -8.52 -22.97
C ILE B 435 -21.72 -8.81 -24.34
N ASP B 436 -21.06 -7.83 -24.92
CA ASP B 436 -20.24 -8.01 -26.14
C ASP B 436 -19.18 -9.12 -26.02
N SER B 437 -18.36 -9.06 -25.00
CA SER B 437 -17.51 -10.21 -24.65
C SER B 437 -18.26 -11.56 -24.67
N PHE B 438 -19.47 -11.61 -24.10
CA PHE B 438 -20.25 -12.85 -24.12
C PHE B 438 -20.59 -13.29 -25.55
N ILE B 439 -20.81 -12.34 -26.43
CA ILE B 439 -21.09 -12.66 -27.82
C ILE B 439 -19.86 -13.31 -28.42
N LEU B 440 -18.72 -12.63 -28.35
CA LEU B 440 -17.48 -13.12 -28.95
C LEU B 440 -17.01 -14.49 -28.45
N LEU B 441 -17.01 -14.66 -27.13
CA LEU B 441 -16.62 -15.90 -26.48
C LEU B 441 -17.70 -17.00 -26.54
N GLU B 442 -18.79 -16.75 -27.26
CA GLU B 442 -19.92 -17.69 -27.40
C GLU B 442 -20.58 -18.10 -26.08
N ILE B 443 -20.55 -17.19 -25.11
CA ILE B 443 -21.25 -17.38 -23.85
C ILE B 443 -22.75 -17.23 -24.11
N ILE B 444 -23.10 -16.36 -25.04
CA ILE B 444 -24.44 -16.31 -25.61
C ILE B 444 -24.38 -16.32 -27.14
N LYS B 445 -25.44 -16.78 -27.77
CA LYS B 445 -25.60 -16.74 -29.22
C LYS B 445 -26.93 -16.10 -29.57
N GLN B 446 -26.87 -14.93 -30.16
CA GLN B 446 -28.07 -14.28 -30.66
C GLN B 446 -27.77 -13.72 -32.06
N GLY B 447 -28.81 -13.25 -32.73
CA GLY B 447 -28.67 -12.75 -34.07
C GLY B 447 -27.90 -11.45 -34.10
N CYS B 448 -27.97 -10.78 -35.25
CA CYS B 448 -27.24 -9.54 -35.49
C CYS B 448 -27.99 -8.35 -34.96
N GLU B 449 -29.30 -8.47 -34.91
CA GLU B 449 -30.16 -7.45 -34.37
C GLU B 449 -29.90 -7.28 -32.87
N PHE B 450 -29.49 -8.37 -32.23
CA PHE B 450 -29.16 -8.36 -30.82
C PHE B 450 -27.79 -7.73 -30.66
N GLU B 451 -26.86 -8.12 -31.54
CA GLU B 451 -25.49 -7.62 -31.51
C GLU B 451 -25.43 -6.14 -31.82
N ASN B 452 -26.28 -5.68 -32.72
CA ASN B 452 -26.26 -4.27 -33.09
C ASN B 452 -26.92 -3.37 -32.06
N THR B 453 -27.86 -3.90 -31.25
CA THR B 453 -28.43 -3.16 -30.12
C THR B 453 -27.38 -3.07 -28.96
N VAL B 454 -26.61 -4.13 -28.74
CA VAL B 454 -25.50 -4.10 -27.79
C VAL B 454 -24.53 -2.96 -28.15
N HIS B 455 -24.15 -2.88 -29.41
CA HIS B 455 -23.19 -1.86 -29.82
C HIS B 455 -23.69 -0.42 -29.74
N LYS B 456 -24.98 -0.18 -29.94
CA LYS B 456 -25.51 1.18 -29.77
C LYS B 456 -25.56 1.60 -28.30
N TRP B 457 -25.86 0.66 -27.41
CA TRP B 457 -25.89 0.93 -25.98
C TRP B 457 -24.49 1.08 -25.37
N ILE B 458 -23.49 0.37 -25.94
CA ILE B 458 -22.07 0.65 -25.63
C ILE B 458 -21.64 2.08 -26.03
N SER B 459 -22.04 2.52 -27.22
CA SER B 459 -21.87 3.92 -27.58
C SER B 459 -22.61 4.85 -26.61
N ILE B 460 -23.82 4.49 -26.19
CA ILE B 460 -24.55 5.37 -25.25
C ILE B 460 -23.92 5.42 -23.85
N THR B 461 -23.62 4.24 -23.28
CA THR B 461 -23.17 4.16 -21.90
C THR B 461 -21.77 4.70 -21.71
N GLU B 462 -20.94 4.57 -22.74
CA GLU B 462 -19.64 5.18 -22.75
C GLU B 462 -19.75 6.71 -22.73
N ALA B 463 -20.65 7.27 -23.54
CA ALA B 463 -20.85 8.71 -23.57
C ALA B 463 -21.30 9.22 -22.21
N LEU B 464 -22.19 8.45 -21.60
CA LEU B 464 -22.74 8.79 -20.30
C LEU B 464 -21.65 8.65 -19.24
N ALA B 465 -20.69 7.75 -19.51
CA ALA B 465 -19.57 7.54 -18.63
C ALA B 465 -18.68 8.76 -18.53
N PHE B 466 -18.55 9.55 -19.60
CA PHE B 466 -17.60 10.68 -19.59
C PHE B 466 -17.98 11.76 -18.61
N PHE B 467 -19.18 11.67 -18.05
CA PHE B 467 -19.56 12.49 -16.90
C PHE B 467 -18.58 12.34 -15.71
N HIS B 468 -17.79 11.27 -15.66
CA HIS B 468 -16.73 11.17 -14.66
C HIS B 468 -15.87 12.43 -14.66
N CYS B 469 -15.64 13.02 -15.83
CA CYS B 469 -14.84 14.26 -15.93
C CYS B 469 -15.44 15.48 -15.21
N CYS B 470 -16.71 15.41 -14.82
CA CYS B 470 -17.36 16.53 -14.16
C CYS B 470 -17.44 16.35 -12.66
N LEU B 471 -17.25 15.13 -12.16
CA LEU B 471 -17.48 14.86 -10.74
C LEU B 471 -16.54 15.63 -9.85
N ASN B 472 -15.25 15.61 -10.19
CA ASN B 472 -14.23 16.30 -9.41
C ASN B 472 -14.59 17.79 -9.27
N PRO B 473 -14.85 18.48 -10.38
CA PRO B 473 -15.37 19.85 -10.19
C PRO B 473 -16.68 19.99 -9.39
N ILE B 474 -17.65 19.12 -9.61
CA ILE B 474 -18.93 19.22 -8.92
C ILE B 474 -18.77 19.03 -7.41
N LEU B 475 -17.96 18.06 -7.02
CA LEU B 475 -17.64 17.88 -5.60
C LEU B 475 -16.95 19.11 -4.97
N TYR B 476 -16.40 19.99 -5.79
CA TYR B 476 -15.87 21.24 -5.25
C TYR B 476 -16.91 22.38 -5.20
N ALA B 477 -18.11 22.14 -5.73
CA ALA B 477 -19.13 23.21 -5.80
C ALA B 477 -19.62 23.59 -4.39
N PHE B 478 -20.12 24.81 -4.26
CA PHE B 478 -20.81 25.26 -3.03
C PHE B 478 -19.99 25.12 -1.74
N LEU B 479 -18.66 25.08 -1.83
CA LEU B 479 -17.81 25.07 -0.64
C LEU B 479 -18.04 26.31 0.20
N GLY B 480 -18.41 26.11 1.47
CA GLY B 480 -18.72 27.23 2.37
C GLY B 480 -20.09 27.88 2.15
N ALA B 481 -20.90 27.35 1.23
CA ALA B 481 -22.27 27.82 1.06
C ALA B 481 -23.15 27.37 2.23
N LYS B 482 -24.13 28.20 2.59
CA LYS B 482 -25.18 27.79 3.52
C LYS B 482 -26.54 27.80 2.81
N PHE B 483 -27.24 26.67 2.81
CA PHE B 483 -28.54 26.60 2.13
C PHE B 483 -29.69 26.97 3.08
N LYS B 484 -29.82 28.26 3.40
CA LYS B 484 -30.83 28.73 4.36
C LYS B 484 -31.76 29.83 3.84
N THR B 485 -31.83 30.03 2.52
CA THR B 485 -32.62 31.12 1.97
C THR B 485 -33.79 30.65 1.10
N SER B 486 -35.01 30.97 1.53
CA SER B 486 -36.22 30.64 0.78
C SER B 486 -36.84 31.94 0.25
N ALA B 487 -37.85 31.79 -0.60
CA ALA B 487 -38.54 32.92 -1.22
C ALA B 487 -39.04 33.92 -0.18
N GLN B 488 -39.38 33.41 1.00
CA GLN B 488 -39.83 34.24 2.12
C GLN B 488 -38.63 34.99 2.74
N HIS B 489 -37.46 34.35 2.76
CA HIS B 489 -36.24 34.97 3.31
C HIS B 489 -35.58 35.99 2.35
N ALA B 490 -36.12 36.12 1.13
CA ALA B 490 -35.78 37.25 0.25
C ALA B 490 -36.72 38.43 0.55
N LEU B 491 -37.81 38.14 1.25
CA LEU B 491 -38.82 39.15 1.60
C LEU B 491 -38.84 39.50 3.11
N THR B 492 -38.23 38.65 3.94
CA THR B 492 -38.26 38.83 5.40
C THR B 492 -36.98 38.33 6.08
N SER B 493 -36.89 38.51 7.40
CA SER B 493 -35.78 37.94 8.19
C SER B 493 -36.05 36.46 8.46
#